data_8F8Z
#
_entry.id   8F8Z
#
_cell.length_a   73.854
_cell.length_b   83.756
_cell.length_c   104.128
_cell.angle_alpha   90.000
_cell.angle_beta   103.670
_cell.angle_gamma   90.000
#
_symmetry.space_group_name_H-M   'P 1 21 1'
#
loop_
_entity.id
_entity.type
_entity.pdbx_description
1 polymer 'Lysine-specific demethylase PHF2'
2 polymer 'H3 N-Terminal Peptide'
3 non-polymer 'ZINC ION'
4 non-polymer 'SULFATE ION'
5 non-polymer 1,2-ETHANEDIOL
6 water water
#
loop_
_entity_poly.entity_id
_entity_poly.type
_entity_poly.pdbx_seq_one_letter_code
_entity_poly.pdbx_strand_id
1 'polypeptide(L)'
;GSINMATVPVYCVCRLPYDVTRFMIECDACKDWFHGSCVGVEEEEAPDIDIYHCPNCEKTHGKSTLKKKRTWHKHGPGQA
PDVKPVQNGSQLFIKELRSRTFPSAEDVVARVPGSQLTLGYMEEHGFTEPILVPKKDGLGLAVPAPTFYVSDVENYVGPE
RSVDVTDVTKQKDCKMKLKEFVDYYYSTNRKRVLNVTNLEFSDTRMSSFVEPPDIVKKLSWVENYWPDDALLAKPKVTKY
CLICVKDSYTDFHIDSGGASAWYHVLKGEKTFYLIRPASANISLYERWRSASNHSEMFFADQVDKCYKCIVKQGQTLFIP
SGWIYATLTPVDCLAFAGHFLHSLSVEMQMRAYEVERRLKLGSLTQFPNFETACWYMGKHLLEAFKGSHKSGKQLPPHLV
QGAKILNGAFRSWTKKQALAEHEDELPEHFKPSQLIKDLAKEIRLSENASKAVRP
;
A,B
2 'polypeptide(L)' ART(M3L)QTAR(MLY)STGGKAPRKQLATKA E,F
#
# COMPACT_ATOMS: atom_id res chain seq x y z
N ASN A 4 -10.36 -4.35 -14.63
CA ASN A 4 -10.01 -5.44 -13.73
C ASN A 4 -9.84 -4.93 -12.30
N MET A 5 -10.94 -4.93 -11.53
CA MET A 5 -10.95 -4.37 -10.20
C MET A 5 -11.61 -5.33 -9.21
N ALA A 6 -11.52 -4.99 -7.93
CA ALA A 6 -12.15 -5.75 -6.86
C ALA A 6 -12.49 -4.80 -5.73
N THR A 7 -13.14 -5.33 -4.70
CA THR A 7 -13.62 -4.56 -3.56
C THR A 7 -12.82 -4.92 -2.33
N VAL A 8 -12.20 -3.94 -1.69
CA VAL A 8 -11.34 -4.17 -0.53
C VAL A 8 -11.69 -3.14 0.54
N PRO A 9 -11.37 -3.43 1.80
CA PRO A 9 -11.65 -2.46 2.87
C PRO A 9 -10.83 -1.19 2.73
N VAL A 10 -11.42 -0.08 3.17
CA VAL A 10 -10.77 1.22 3.19
C VAL A 10 -10.90 1.81 4.59
N TYR A 11 -10.10 2.85 4.85
CA TYR A 11 -10.04 3.49 6.17
C TYR A 11 -9.94 5.00 5.99
N CYS A 12 -9.89 5.70 7.12
CA CYS A 12 -9.64 7.14 7.19
C CYS A 12 -10.75 7.94 6.53
N VAL A 13 -10.66 9.28 6.64
CA VAL A 13 -11.61 10.15 5.96
C VAL A 13 -11.39 10.09 4.45
N CYS A 14 -10.15 9.87 4.01
CA CYS A 14 -9.85 9.78 2.59
C CYS A 14 -10.41 8.54 1.94
N ARG A 15 -10.90 7.57 2.72
CA ARG A 15 -11.52 6.35 2.20
C ARG A 15 -10.57 5.61 1.25
N LEU A 16 -9.32 5.47 1.67
CA LEU A 16 -8.30 4.80 0.89
C LEU A 16 -7.95 3.45 1.52
N PRO A 17 -7.55 2.47 0.71
CA PRO A 17 -7.11 1.19 1.28
C PRO A 17 -5.87 1.37 2.13
N TYR A 18 -5.56 0.34 2.90
CA TYR A 18 -4.44 0.43 3.82
C TYR A 18 -3.14 0.54 3.03
N ASP A 19 -2.35 1.56 3.36
CA ASP A 19 -1.05 1.79 2.79
C ASP A 19 -0.03 1.57 3.89
N VAL A 20 0.89 0.63 3.67
CA VAL A 20 1.83 0.24 4.71
C VAL A 20 2.88 1.30 5.00
N THR A 21 3.05 2.26 4.10
CA THR A 21 4.07 3.26 4.27
C THR A 21 3.54 4.52 4.93
N ARG A 22 2.32 4.51 5.44
CA ARG A 22 1.72 5.70 6.04
C ARG A 22 1.30 5.39 7.47
N PHE A 23 1.61 6.32 8.38
CA PHE A 23 1.29 6.13 9.79
C PHE A 23 -0.20 6.37 10.03
N MET A 24 -0.82 5.45 10.76
CA MET A 24 -2.25 5.50 11.05
C MET A 24 -2.50 5.30 12.53
N ILE A 25 -3.56 5.95 13.02
CA ILE A 25 -3.96 5.86 14.42
C ILE A 25 -5.46 5.57 14.46
N GLU A 26 -5.86 4.64 15.32
CA GLU A 26 -7.25 4.19 15.39
C GLU A 26 -8.01 5.05 16.39
N CYS A 27 -9.10 5.68 15.92
CA CYS A 27 -10.00 6.37 16.81
C CYS A 27 -10.72 5.36 17.69
N ASP A 28 -10.78 5.64 18.99
CA ASP A 28 -11.37 4.68 19.91
C ASP A 28 -12.89 4.65 19.84
N ALA A 29 -13.51 5.76 19.41
CA ALA A 29 -14.96 5.84 19.39
C ALA A 29 -15.54 5.03 18.22
N CYS A 30 -15.16 5.37 16.99
CA CYS A 30 -15.69 4.72 15.81
C CYS A 30 -14.86 3.54 15.33
N LYS A 31 -13.75 3.22 16.00
CA LYS A 31 -12.90 2.07 15.67
C LYS A 31 -12.44 2.10 14.22
N ASP A 32 -12.18 3.31 13.71
CA ASP A 32 -11.68 3.49 12.35
C ASP A 32 -10.26 4.04 12.40
N TRP A 33 -9.44 3.62 11.45
CA TRP A 33 -8.03 4.02 11.40
C TRP A 33 -7.89 5.25 10.51
N PHE A 34 -7.15 6.24 10.99
CA PHE A 34 -6.96 7.50 10.29
C PHE A 34 -5.49 7.75 10.05
N HIS A 35 -5.16 8.19 8.83
CA HIS A 35 -3.78 8.50 8.49
C HIS A 35 -3.26 9.64 9.36
N GLY A 36 -1.99 9.55 9.74
CA GLY A 36 -1.36 10.63 10.49
C GLY A 36 -1.32 11.93 9.73
N SER A 37 -1.45 11.88 8.40
CA SER A 37 -1.54 13.08 7.56
C SER A 37 -2.96 13.62 7.50
N CYS A 38 -3.95 12.73 7.43
CA CYS A 38 -5.34 13.17 7.28
C CYS A 38 -5.83 13.91 8.52
N VAL A 39 -5.43 13.46 9.70
CA VAL A 39 -5.94 14.01 10.96
C VAL A 39 -4.87 14.77 11.71
N GLY A 40 -3.76 15.12 11.06
CA GLY A 40 -2.77 15.99 11.66
C GLY A 40 -2.15 15.46 12.95
N VAL A 41 -1.82 14.18 13.00
CA VAL A 41 -1.18 13.57 14.15
C VAL A 41 0.10 12.92 13.67
N GLU A 42 1.24 13.53 14.00
CA GLU A 42 2.52 12.98 13.56
C GLU A 42 2.86 11.72 14.34
N GLU A 43 3.74 10.90 13.73
CA GLU A 43 4.06 9.61 14.32
C GLU A 43 4.76 9.75 15.67
N GLU A 44 5.61 10.78 15.80
CA GLU A 44 6.30 11.00 17.07
C GLU A 44 5.33 11.41 18.18
N GLU A 45 4.18 11.99 17.81
CA GLU A 45 3.17 12.39 18.77
C GLU A 45 2.35 11.21 19.28
N ALA A 46 2.33 10.10 18.55
CA ALA A 46 1.44 8.99 18.89
C ALA A 46 1.63 8.42 20.29
N PRO A 47 2.85 8.21 20.81
CA PRO A 47 2.97 7.59 22.15
C PRO A 47 2.29 8.39 23.26
N ASP A 48 2.27 9.72 23.16
CA ASP A 48 1.68 10.53 24.22
C ASP A 48 0.16 10.41 24.28
N ILE A 49 -0.48 9.94 23.21
CA ILE A 49 -1.94 9.91 23.15
C ILE A 49 -2.45 8.66 23.85
N ASP A 50 -3.23 8.86 24.91
CA ASP A 50 -3.84 7.74 25.63
C ASP A 50 -5.11 7.28 24.91
N ILE A 51 -6.09 8.18 24.80
CA ILE A 51 -7.31 7.94 24.04
C ILE A 51 -7.33 8.89 22.86
N TYR A 52 -7.49 8.35 21.66
CA TYR A 52 -7.59 9.17 20.46
C TYR A 52 -9.02 9.15 19.93
N HIS A 53 -9.58 10.34 19.71
CA HIS A 53 -10.86 10.51 19.06
C HIS A 53 -10.67 11.34 17.80
N CYS A 54 -11.22 10.86 16.68
CA CYS A 54 -11.13 11.59 15.44
C CYS A 54 -12.01 12.84 15.51
N PRO A 55 -11.75 13.85 14.67
CA PRO A 55 -12.49 15.11 14.80
C PRO A 55 -14.00 14.97 14.72
N ASN A 56 -14.51 14.07 13.87
CA ASN A 56 -15.95 13.85 13.82
C ASN A 56 -16.46 13.30 15.16
N CYS A 57 -15.72 12.36 15.75
CA CYS A 57 -16.09 11.82 17.05
C CYS A 57 -15.78 12.79 18.18
N GLU A 58 -14.76 13.64 18.01
CA GLU A 58 -14.42 14.60 19.07
C GLU A 58 -15.55 15.58 19.34
N LYS A 59 -16.39 15.83 18.33
CA LYS A 59 -17.47 16.79 18.50
C LYS A 59 -18.46 16.32 19.58
N THR A 60 -18.74 15.02 19.62
CA THR A 60 -19.74 14.48 20.53
C THR A 60 -19.19 13.56 21.61
N HIS A 61 -18.08 12.87 21.35
CA HIS A 61 -17.51 11.93 22.30
C HIS A 61 -16.38 12.52 23.15
N GLY A 62 -16.07 13.80 22.98
CA GLY A 62 -15.03 14.39 23.80
C GLY A 62 -13.67 14.39 23.12
N LYS A 63 -12.85 15.38 23.50
CA LYS A 63 -11.54 15.53 22.90
C LYS A 63 -10.64 14.36 23.28
N SER A 64 -9.63 14.13 22.44
CA SER A 64 -8.69 13.05 22.66
C SER A 64 -7.96 13.24 23.98
N THR A 65 -7.82 12.15 24.73
CA THR A 65 -7.06 12.15 25.98
C THR A 65 -5.58 12.02 25.62
N LEU A 66 -5.03 13.12 25.13
CA LEU A 66 -3.61 13.16 24.80
C LEU A 66 -2.80 13.41 26.06
N LYS A 67 -3.09 12.62 27.11
CA LYS A 67 -2.40 12.74 28.39
C LYS A 67 -2.14 11.32 28.89
N LYS A 68 -0.99 10.76 28.53
CA LYS A 68 -0.58 9.49 29.10
C LYS A 68 -0.23 9.66 30.57
N LYS A 69 0.56 10.68 30.90
CA LYS A 69 0.89 11.05 32.27
C LYS A 69 1.46 9.90 33.10
N SER A 90 15.83 -14.28 24.21
CA SER A 90 16.50 -12.99 24.29
C SER A 90 17.17 -12.63 22.96
N GLN A 91 17.83 -11.47 22.93
CA GLN A 91 18.52 -11.04 21.71
C GLN A 91 19.65 -11.99 21.36
N LEU A 92 20.37 -12.50 22.36
CA LEU A 92 21.43 -13.47 22.11
C LEU A 92 20.88 -14.76 21.54
N PHE A 93 19.71 -15.20 22.03
CA PHE A 93 19.10 -16.42 21.51
C PHE A 93 18.77 -16.30 20.03
N ILE A 94 18.26 -15.13 19.62
CA ILE A 94 18.04 -14.86 18.21
C ILE A 94 19.37 -14.78 17.46
N LYS A 95 20.36 -14.09 18.06
CA LYS A 95 21.66 -13.96 17.43
C LYS A 95 22.34 -15.31 17.28
N GLU A 96 22.27 -16.16 18.31
CA GLU A 96 22.85 -17.50 18.22
C GLU A 96 22.14 -18.35 17.17
N LEU A 97 20.83 -18.14 16.99
CA LEU A 97 20.10 -18.86 15.95
C LEU A 97 20.58 -18.45 14.56
N ARG A 98 20.77 -17.16 14.33
CA ARG A 98 21.24 -16.68 13.04
C ARG A 98 22.74 -16.86 12.86
N SER A 99 23.49 -17.04 13.94
CA SER A 99 24.93 -17.25 13.83
C SER A 99 25.23 -18.63 13.24
N ARG A 100 24.58 -19.67 13.74
CA ARG A 100 24.85 -21.02 13.29
C ARG A 100 24.44 -21.20 11.83
N THR A 101 25.28 -21.89 11.06
CA THR A 101 25.01 -22.17 9.66
C THR A 101 24.23 -23.46 9.55
N PHE A 102 23.12 -23.41 8.81
CA PHE A 102 22.25 -24.57 8.69
C PHE A 102 22.08 -24.95 7.22
N PRO A 103 21.93 -26.24 6.92
CA PRO A 103 21.61 -26.64 5.55
C PRO A 103 20.26 -26.10 5.12
N SER A 104 20.16 -25.71 3.85
CA SER A 104 18.90 -25.24 3.31
C SER A 104 17.87 -26.36 3.30
N ALA A 105 16.61 -25.99 3.49
CA ALA A 105 15.54 -26.98 3.51
C ALA A 105 15.27 -27.59 2.14
N GLU A 106 15.82 -27.02 1.06
CA GLU A 106 15.60 -27.56 -0.26
C GLU A 106 16.09 -29.00 -0.38
N ASP A 107 17.01 -29.41 0.49
CA ASP A 107 17.57 -30.77 0.43
C ASP A 107 16.51 -31.81 0.78
N VAL A 108 15.70 -31.56 1.82
CA VAL A 108 14.74 -32.53 2.30
C VAL A 108 13.30 -32.06 2.11
N VAL A 109 13.02 -30.78 2.36
CA VAL A 109 11.66 -30.27 2.23
C VAL A 109 11.30 -30.21 0.76
N ALA A 110 10.29 -30.99 0.37
CA ALA A 110 9.85 -31.03 -1.02
C ALA A 110 8.90 -29.88 -1.31
N ARG A 111 8.94 -29.41 -2.56
CA ARG A 111 8.01 -28.40 -3.06
C ARG A 111 7.01 -29.10 -3.98
N VAL A 112 5.74 -29.03 -3.62
CA VAL A 112 4.68 -29.68 -4.40
C VAL A 112 3.56 -28.68 -4.66
N PRO A 113 3.05 -28.58 -5.88
CA PRO A 113 1.87 -27.75 -6.12
C PRO A 113 0.67 -28.31 -5.35
N GLY A 114 -0.22 -27.40 -4.95
CA GLY A 114 -1.37 -27.83 -4.17
C GLY A 114 -2.22 -28.85 -4.88
N SER A 115 -2.38 -28.69 -6.20
CA SER A 115 -3.19 -29.63 -6.98
C SER A 115 -2.59 -31.04 -6.99
N GLN A 116 -1.27 -31.14 -6.87
CA GLN A 116 -0.61 -32.44 -6.86
C GLN A 116 -0.39 -33.00 -5.46
N LEU A 117 -0.76 -32.26 -4.42
CA LEU A 117 -0.65 -32.76 -3.04
C LEU A 117 -1.95 -33.47 -2.70
N THR A 118 -2.03 -34.71 -3.15
CA THR A 118 -3.23 -35.54 -3.00
C THR A 118 -2.97 -36.65 -1.98
N LEU A 119 -4.03 -37.41 -1.70
CA LEU A 119 -3.89 -38.57 -0.82
C LEU A 119 -2.99 -39.64 -1.43
N GLY A 120 -3.07 -39.80 -2.76
CA GLY A 120 -2.17 -40.73 -3.43
C GLY A 120 -0.71 -40.32 -3.28
N TYR A 121 -0.43 -39.03 -3.37
CA TYR A 121 0.94 -38.55 -3.18
C TYR A 121 1.43 -38.86 -1.78
N MET A 122 0.56 -38.70 -0.78
CA MET A 122 0.94 -39.03 0.60
C MET A 122 1.25 -40.51 0.75
N GLU A 123 0.43 -41.37 0.12
CA GLU A 123 0.68 -42.81 0.20
C GLU A 123 1.97 -43.19 -0.50
N GLU A 124 2.28 -42.55 -1.62
CA GLU A 124 3.50 -42.87 -2.36
C GLU A 124 4.74 -42.47 -1.56
N HIS A 125 4.77 -41.23 -1.05
CA HIS A 125 5.95 -40.73 -0.36
C HIS A 125 5.94 -41.02 1.14
N GLY A 126 4.79 -41.39 1.70
CA GLY A 126 4.72 -41.76 3.10
C GLY A 126 4.69 -40.62 4.08
N PHE A 127 4.75 -39.38 3.61
CA PHE A 127 4.75 -38.18 4.46
C PHE A 127 5.83 -38.28 5.54
N THR A 128 7.07 -38.48 5.10
CA THR A 128 8.21 -38.63 5.99
C THR A 128 9.06 -37.37 6.09
N GLU A 129 8.84 -36.38 5.24
CA GLU A 129 9.60 -35.14 5.26
C GLU A 129 8.65 -33.98 4.98
N PRO A 130 8.99 -32.77 5.46
CA PRO A 130 8.06 -31.65 5.30
C PRO A 130 7.80 -31.30 3.84
N ILE A 131 6.61 -30.78 3.59
CA ILE A 131 6.16 -30.37 2.27
C ILE A 131 5.90 -28.87 2.30
N LEU A 132 6.41 -28.16 1.30
CA LEU A 132 6.17 -26.72 1.16
C LEU A 132 5.37 -26.49 -0.12
N VAL A 133 4.21 -25.86 0.02
CA VAL A 133 3.37 -25.54 -1.12
C VAL A 133 3.41 -24.03 -1.33
N PRO A 134 4.13 -23.55 -2.36
CA PRO A 134 4.30 -22.09 -2.51
C PRO A 134 2.99 -21.35 -2.72
N LYS A 135 2.04 -21.93 -3.42
CA LYS A 135 0.78 -21.28 -3.77
C LYS A 135 -0.39 -22.09 -3.24
N LYS A 136 -1.36 -21.38 -2.64
CA LYS A 136 -2.52 -22.04 -2.04
C LYS A 136 -3.37 -22.78 -3.07
N ASP A 137 -3.18 -22.49 -4.36
CA ASP A 137 -4.01 -23.09 -5.40
C ASP A 137 -3.89 -24.60 -5.38
N GLY A 138 -5.03 -25.28 -5.39
CA GLY A 138 -5.10 -26.72 -5.40
C GLY A 138 -5.09 -27.37 -4.02
N LEU A 139 -4.70 -26.64 -2.98
CA LEU A 139 -4.63 -27.22 -1.65
C LEU A 139 -6.01 -27.48 -1.07
N GLY A 140 -7.01 -26.73 -1.52
CA GLY A 140 -8.30 -26.71 -0.86
C GLY A 140 -8.32 -25.87 0.39
N LEU A 141 -7.24 -25.16 0.69
CA LEU A 141 -7.18 -24.33 1.88
C LEU A 141 -8.08 -23.10 1.73
N ALA A 142 -8.72 -22.72 2.82
CA ALA A 142 -9.55 -21.53 2.88
C ALA A 142 -9.00 -20.59 3.94
N VAL A 143 -8.52 -19.43 3.50
CA VAL A 143 -7.99 -18.41 4.41
C VAL A 143 -8.48 -17.05 3.95
N PRO A 144 -8.50 -16.07 4.85
CA PRO A 144 -8.87 -14.71 4.45
C PRO A 144 -7.86 -14.11 3.48
N ALA A 145 -8.28 -13.04 2.81
CA ALA A 145 -7.42 -12.32 1.89
C ALA A 145 -6.28 -11.64 2.66
N PRO A 146 -5.18 -11.32 1.98
CA PRO A 146 -4.10 -10.59 2.67
C PRO A 146 -4.54 -9.25 3.25
N THR A 147 -5.68 -8.71 2.81
CA THR A 147 -6.26 -7.53 3.45
C THR A 147 -7.04 -7.95 4.69
N PHE A 148 -6.41 -8.73 5.55
CA PHE A 148 -6.98 -9.18 6.82
C PHE A 148 -5.96 -8.92 7.90
N TYR A 149 -6.32 -8.09 8.87
CA TYR A 149 -5.36 -7.57 9.83
C TYR A 149 -5.69 -8.05 11.24
N VAL A 150 -4.73 -7.85 12.15
CA VAL A 150 -4.90 -8.28 13.53
C VAL A 150 -6.08 -7.58 14.18
N SER A 151 -6.40 -6.37 13.73
CA SER A 151 -7.59 -5.68 14.22
C SER A 151 -8.85 -6.48 13.88
N ASP A 152 -8.89 -7.06 12.67
CA ASP A 152 -10.01 -7.92 12.28
C ASP A 152 -10.05 -9.17 13.15
N VAL A 153 -8.87 -9.74 13.45
CA VAL A 153 -8.81 -10.93 14.29
C VAL A 153 -9.49 -10.67 15.64
N GLU A 154 -9.26 -9.49 16.21
CA GLU A 154 -9.87 -9.16 17.49
C GLU A 154 -11.39 -9.12 17.38
N ASN A 155 -11.92 -8.58 16.28
CA ASN A 155 -13.36 -8.43 16.14
C ASN A 155 -14.06 -9.78 16.08
N TYR A 156 -13.49 -10.73 15.34
CA TYR A 156 -14.16 -12.02 15.13
C TYR A 156 -13.90 -13.02 16.25
N VAL A 157 -12.65 -13.13 16.70
CA VAL A 157 -12.36 -14.00 17.84
C VAL A 157 -13.05 -13.49 19.09
N GLY A 158 -12.98 -12.19 19.33
CA GLY A 158 -13.60 -11.58 20.49
C GLY A 158 -12.60 -10.78 21.30
N PRO A 159 -12.87 -9.49 21.46
CA PRO A 159 -11.95 -8.64 22.24
C PRO A 159 -11.80 -9.07 23.69
N GLU A 160 -12.83 -9.64 24.29
CA GLU A 160 -12.78 -10.05 25.69
C GLU A 160 -12.28 -11.47 25.88
N ARG A 161 -12.00 -12.20 24.80
CA ARG A 161 -11.56 -13.58 24.92
C ARG A 161 -10.16 -13.65 25.55
N SER A 162 -10.01 -14.49 26.57
CA SER A 162 -8.72 -14.70 27.19
C SER A 162 -7.86 -15.60 26.30
N VAL A 163 -6.64 -15.16 26.01
CA VAL A 163 -5.74 -15.88 25.11
C VAL A 163 -4.40 -16.09 25.79
N ASP A 164 -3.67 -17.09 25.29
CA ASP A 164 -2.36 -17.44 25.82
C ASP A 164 -1.30 -16.65 25.08
N VAL A 165 -0.63 -15.75 25.79
CA VAL A 165 0.42 -14.90 25.23
C VAL A 165 1.76 -15.34 25.79
N THR A 166 2.72 -15.53 24.90
CA THR A 166 4.05 -16.01 25.28
C THR A 166 5.02 -14.84 25.33
N ASP A 167 5.59 -14.61 26.51
CA ASP A 167 6.65 -13.61 26.67
C ASP A 167 7.93 -14.25 26.13
N VAL A 168 8.29 -13.92 24.88
CA VAL A 168 9.37 -14.60 24.21
C VAL A 168 10.68 -14.42 24.95
N THR A 169 10.96 -13.20 25.41
CA THR A 169 12.21 -12.95 26.13
C THR A 169 12.29 -13.78 27.40
N LYS A 170 11.24 -13.75 28.21
CA LYS A 170 11.21 -14.50 29.46
C LYS A 170 10.85 -15.97 29.26
N GLN A 171 10.34 -16.33 28.08
CA GLN A 171 9.91 -17.70 27.77
C GLN A 171 8.92 -18.21 28.81
N LYS A 172 7.90 -17.40 29.07
CA LYS A 172 6.82 -17.75 30.00
C LYS A 172 5.48 -17.40 29.35
N ASP A 173 4.44 -18.12 29.76
CA ASP A 173 3.10 -17.93 29.21
C ASP A 173 2.20 -17.28 30.25
N CYS A 174 1.37 -16.34 29.80
CA CYS A 174 0.45 -15.62 30.67
C CYS A 174 -0.86 -15.38 29.93
N LYS A 175 -1.96 -15.65 30.61
CA LYS A 175 -3.28 -15.41 30.03
C LYS A 175 -3.69 -13.96 30.19
N MET A 176 -4.29 -13.39 29.15
CA MET A 176 -4.72 -12.01 29.15
C MET A 176 -5.82 -11.81 28.13
N LYS A 177 -6.54 -10.71 28.27
CA LYS A 177 -7.57 -10.36 27.30
C LYS A 177 -6.96 -10.18 25.92
N LEU A 178 -7.70 -10.61 24.89
CA LEU A 178 -7.23 -10.43 23.53
C LEU A 178 -7.11 -8.94 23.18
N LYS A 179 -8.07 -8.14 23.64
CA LYS A 179 -7.97 -6.69 23.42
C LYS A 179 -6.73 -6.11 24.10
N GLU A 180 -6.32 -6.71 25.22
CA GLU A 180 -5.12 -6.23 25.91
C GLU A 180 -3.88 -6.55 25.10
N PHE A 181 -3.83 -7.72 24.45
CA PHE A 181 -2.68 -8.06 23.62
C PHE A 181 -2.66 -7.26 22.33
N VAL A 182 -3.82 -7.16 21.66
CA VAL A 182 -3.88 -6.41 20.42
C VAL A 182 -3.61 -4.93 20.66
N ASP A 183 -3.86 -4.44 21.88
CA ASP A 183 -3.37 -3.12 22.25
C ASP A 183 -1.86 -3.06 22.21
N TYR A 184 -1.20 -4.10 22.73
CA TYR A 184 0.25 -4.17 22.64
C TYR A 184 0.72 -4.26 21.20
N TYR A 185 0.01 -5.04 20.37
CA TYR A 185 0.41 -5.21 18.99
C TYR A 185 0.37 -3.89 18.23
N TYR A 186 -0.69 -3.12 18.41
CA TYR A 186 -0.83 -1.83 17.73
C TYR A 186 -0.29 -0.68 18.57
N SER A 187 0.95 -0.81 19.00
CA SER A 187 1.65 0.23 19.73
C SER A 187 3.01 0.44 19.11
N THR A 188 3.76 1.40 19.64
CA THR A 188 5.11 1.67 19.20
C THR A 188 6.06 1.52 20.39
N ASN A 189 7.32 1.26 20.07
CA ASN A 189 8.35 0.97 21.08
C ASN A 189 7.90 -0.17 21.99
N ARG A 190 7.70 -1.34 21.38
CA ARG A 190 7.25 -2.52 22.09
C ARG A 190 8.38 -2.99 23.00
N LYS A 191 8.29 -2.65 24.29
CA LYS A 191 9.31 -3.03 25.25
C LYS A 191 9.31 -4.53 25.56
N ARG A 192 8.27 -5.25 25.15
CA ARG A 192 8.17 -6.69 25.38
C ARG A 192 7.99 -7.41 24.04
N VAL A 193 8.45 -8.66 24.00
CA VAL A 193 8.29 -9.52 22.84
C VAL A 193 7.21 -10.54 23.17
N LEU A 194 5.98 -10.24 22.78
CA LEU A 194 4.83 -11.07 23.10
C LEU A 194 4.27 -11.71 21.85
N ASN A 195 3.96 -13.00 21.94
CA ASN A 195 3.43 -13.76 20.81
C ASN A 195 2.15 -14.46 21.22
N VAL A 196 1.26 -14.63 20.26
CA VAL A 196 0.07 -15.45 20.41
C VAL A 196 0.19 -16.59 19.41
N THR A 197 0.59 -17.76 19.89
CA THR A 197 0.72 -18.95 19.07
C THR A 197 -0.26 -20.04 19.45
N ASN A 198 -0.96 -19.90 20.57
CA ASN A 198 -2.00 -20.85 21.00
C ASN A 198 -3.31 -20.07 21.08
N LEU A 199 -3.99 -19.96 19.94
CA LEU A 199 -5.29 -19.29 19.85
C LEU A 199 -6.12 -20.13 18.88
N GLU A 200 -6.89 -21.05 19.42
CA GLU A 200 -7.74 -21.92 18.62
C GLU A 200 -9.12 -21.28 18.53
N PHE A 201 -9.48 -20.81 17.33
CA PHE A 201 -10.68 -20.02 17.14
C PHE A 201 -11.82 -20.81 16.50
N SER A 202 -11.79 -22.14 16.57
CA SER A 202 -12.87 -22.92 15.99
C SER A 202 -14.19 -22.69 16.68
N ASP A 203 -14.20 -22.06 17.85
CA ASP A 203 -15.42 -21.73 18.58
C ASP A 203 -15.79 -20.25 18.45
N THR A 204 -15.19 -19.54 17.51
CA THR A 204 -15.45 -18.11 17.32
C THR A 204 -16.06 -17.86 15.95
N ARG A 205 -16.42 -16.60 15.70
CA ARG A 205 -16.95 -16.21 14.40
C ARG A 205 -15.91 -16.38 13.30
N MET A 206 -14.63 -16.30 13.66
CA MET A 206 -13.56 -16.45 12.67
C MET A 206 -13.39 -17.89 12.21
N SER A 207 -14.04 -18.85 12.87
CA SER A 207 -13.96 -20.24 12.44
C SER A 207 -14.50 -20.42 11.03
N SER A 208 -15.50 -19.62 10.64
CA SER A 208 -16.07 -19.71 9.32
C SER A 208 -15.17 -19.13 8.23
N PHE A 209 -14.09 -18.44 8.62
CA PHE A 209 -13.18 -17.84 7.64
C PHE A 209 -12.03 -18.76 7.24
N VAL A 210 -11.69 -19.74 8.08
CA VAL A 210 -10.54 -20.60 7.85
C VAL A 210 -11.02 -22.05 7.81
N GLU A 211 -10.63 -22.77 6.75
CA GLU A 211 -10.91 -24.19 6.60
C GLU A 211 -9.63 -24.91 6.23
N PRO A 212 -9.34 -26.06 6.85
CA PRO A 212 -8.07 -26.74 6.62
C PRO A 212 -7.94 -27.21 5.18
N PRO A 213 -6.71 -27.45 4.72
CA PRO A 213 -6.53 -27.97 3.36
C PRO A 213 -7.21 -29.31 3.18
N ASP A 214 -7.66 -29.58 1.95
CA ASP A 214 -8.37 -30.83 1.68
C ASP A 214 -7.50 -32.05 1.96
N ILE A 215 -6.19 -31.93 1.78
CA ILE A 215 -5.31 -33.05 2.09
C ILE A 215 -5.30 -33.34 3.59
N VAL A 216 -5.39 -32.28 4.41
CA VAL A 216 -5.42 -32.46 5.86
C VAL A 216 -6.70 -33.16 6.29
N LYS A 217 -7.84 -32.75 5.73
CA LYS A 217 -9.12 -33.33 6.14
C LYS A 217 -9.21 -34.80 5.75
N LYS A 218 -8.66 -35.15 4.59
CA LYS A 218 -8.65 -36.55 4.17
C LYS A 218 -7.79 -37.40 5.08
N LEU A 219 -6.65 -36.87 5.53
CA LEU A 219 -5.72 -37.63 6.37
C LEU A 219 -6.10 -37.64 7.84
N SER A 220 -6.92 -36.69 8.28
CA SER A 220 -7.17 -36.52 9.71
C SER A 220 -7.98 -37.70 10.26
N TRP A 221 -7.54 -38.24 11.40
CA TRP A 221 -8.30 -39.29 12.07
C TRP A 221 -9.61 -38.75 12.64
N VAL A 222 -9.58 -37.55 13.23
CA VAL A 222 -10.79 -36.98 13.81
C VAL A 222 -11.79 -36.62 12.73
N GLU A 223 -11.30 -36.13 11.58
CA GLU A 223 -12.20 -35.77 10.49
C GLU A 223 -12.90 -37.00 9.92
N ASN A 224 -12.21 -38.14 9.89
CA ASN A 224 -12.73 -39.34 9.25
C ASN A 224 -13.43 -40.30 10.22
N TYR A 225 -12.87 -40.48 11.42
CA TYR A 225 -13.28 -41.57 12.29
C TYR A 225 -13.93 -41.13 13.60
N TRP A 226 -14.09 -39.83 13.85
CA TRP A 226 -14.72 -39.37 15.07
C TRP A 226 -16.23 -39.29 14.88
N PRO A 227 -17.03 -40.01 15.67
CA PRO A 227 -18.48 -40.01 15.44
C PRO A 227 -19.10 -38.65 15.69
N ASP A 228 -20.17 -38.38 14.92
CA ASP A 228 -20.93 -37.14 15.12
C ASP A 228 -21.73 -37.17 16.40
N ASP A 229 -22.04 -38.36 16.92
CA ASP A 229 -22.77 -38.53 18.16
C ASP A 229 -21.84 -38.69 19.36
N ALA A 230 -20.53 -38.56 19.17
CA ALA A 230 -19.59 -38.75 20.26
C ALA A 230 -19.83 -37.72 21.36
N LEU A 231 -19.91 -38.20 22.60
CA LEU A 231 -20.16 -37.34 23.74
C LEU A 231 -18.95 -36.50 24.13
N LEU A 232 -17.75 -36.97 23.81
CA LEU A 232 -16.53 -36.21 24.08
C LEU A 232 -16.27 -35.21 22.96
N ALA A 233 -15.93 -33.98 23.35
CA ALA A 233 -15.65 -32.95 22.36
C ALA A 233 -14.44 -33.33 21.51
N LYS A 234 -14.52 -33.01 20.23
CA LYS A 234 -13.43 -33.32 19.32
C LYS A 234 -12.19 -32.51 19.69
N PRO A 235 -11.00 -33.03 19.40
CA PRO A 235 -9.77 -32.30 19.71
C PRO A 235 -9.77 -30.92 19.07
N LYS A 236 -9.74 -29.89 19.91
CA LYS A 236 -9.80 -28.51 19.46
C LYS A 236 -8.39 -28.07 19.03
N VAL A 237 -7.93 -28.70 17.95
CA VAL A 237 -6.57 -28.46 17.45
C VAL A 237 -6.59 -28.20 15.94
N THR A 238 -7.72 -27.77 15.40
CA THR A 238 -7.90 -27.72 13.95
C THR A 238 -7.61 -26.37 13.33
N LYS A 239 -7.86 -25.27 14.03
CA LYS A 239 -7.86 -23.93 13.45
C LYS A 239 -7.08 -22.95 14.32
N TYR A 240 -5.84 -23.28 14.64
CA TYR A 240 -4.99 -22.37 15.40
C TYR A 240 -4.69 -21.10 14.60
N CYS A 241 -4.59 -19.97 15.31
CA CYS A 241 -4.19 -18.69 14.75
C CYS A 241 -2.94 -18.18 15.44
N LEU A 242 -1.99 -17.69 14.67
CA LEU A 242 -0.72 -17.22 15.19
C LEU A 242 -0.50 -15.76 14.82
N ILE A 243 -0.21 -14.94 15.83
CA ILE A 243 0.16 -13.54 15.65
C ILE A 243 1.54 -13.39 16.27
N CYS A 244 2.58 -13.34 15.44
CA CYS A 244 3.96 -13.29 15.89
C CYS A 244 4.54 -11.90 15.58
N VAL A 245 5.13 -11.27 16.58
CA VAL A 245 5.70 -9.93 16.43
C VAL A 245 7.07 -10.03 15.79
N LYS A 246 7.60 -8.88 15.37
CA LYS A 246 8.93 -8.85 14.78
C LYS A 246 9.99 -9.27 15.80
N ASP A 247 10.97 -10.04 15.35
CA ASP A 247 12.07 -10.53 16.18
C ASP A 247 11.57 -11.35 17.37
N SER A 248 10.60 -12.21 17.10
CA SER A 248 10.11 -13.17 18.09
C SER A 248 10.67 -14.55 17.79
N TYR A 249 10.63 -15.42 18.81
CA TYR A 249 11.30 -16.71 18.77
C TYR A 249 10.44 -17.76 19.44
N THR A 250 10.27 -18.90 18.78
CA THR A 250 9.57 -20.05 19.34
C THR A 250 10.56 -21.20 19.41
N ASP A 251 10.76 -21.73 20.62
CA ASP A 251 11.81 -22.71 20.86
C ASP A 251 11.43 -24.06 20.23
N PHE A 252 12.41 -24.97 20.20
CA PHE A 252 12.20 -26.28 19.62
C PHE A 252 11.18 -27.07 20.43
N HIS A 253 10.29 -27.76 19.72
CA HIS A 253 9.24 -28.51 20.37
C HIS A 253 8.70 -29.55 19.39
N ILE A 254 7.98 -30.52 19.94
CA ILE A 254 7.22 -31.49 19.16
C ILE A 254 5.74 -31.24 19.41
N ASP A 255 4.96 -31.20 18.34
CA ASP A 255 3.52 -31.04 18.49
C ASP A 255 2.95 -32.17 19.34
N SER A 256 1.94 -31.84 20.14
CA SER A 256 1.40 -32.80 21.10
C SER A 256 0.85 -34.02 20.39
N GLY A 257 1.17 -35.20 20.94
CA GLY A 257 0.71 -36.45 20.36
C GLY A 257 1.34 -36.79 19.03
N GLY A 258 2.51 -36.24 18.73
CA GLY A 258 3.11 -36.46 17.42
C GLY A 258 2.24 -35.99 16.28
N ALA A 259 1.36 -35.03 16.53
CA ALA A 259 0.41 -34.59 15.52
C ALA A 259 1.13 -33.89 14.38
N SER A 260 0.86 -34.32 13.15
CA SER A 260 1.33 -33.58 11.99
C SER A 260 0.64 -32.23 11.93
N ALA A 261 1.36 -31.22 11.45
CA ALA A 261 0.87 -29.86 11.47
C ALA A 261 1.01 -29.22 10.10
N TRP A 262 0.11 -28.28 9.81
CA TRP A 262 0.20 -27.44 8.63
C TRP A 262 0.20 -25.99 9.06
N TYR A 263 1.14 -25.21 8.54
CA TYR A 263 1.26 -23.78 8.81
C TYR A 263 1.11 -23.02 7.51
N HIS A 264 0.26 -22.00 7.52
CA HIS A 264 0.06 -21.12 6.37
C HIS A 264 0.30 -19.68 6.80
N VAL A 265 1.21 -18.99 6.11
CA VAL A 265 1.56 -17.62 6.46
C VAL A 265 0.66 -16.69 5.65
N LEU A 266 -0.27 -16.01 6.33
CA LEU A 266 -1.13 -15.06 5.64
C LEU A 266 -0.38 -13.78 5.33
N LYS A 267 0.38 -13.26 6.29
CA LYS A 267 1.14 -12.03 6.09
C LYS A 267 2.53 -12.20 6.70
N GLY A 268 3.50 -11.51 6.11
CA GLY A 268 4.87 -11.61 6.58
C GLY A 268 5.52 -12.92 6.16
N GLU A 269 6.43 -13.40 7.01
CA GLU A 269 7.09 -14.68 6.78
C GLU A 269 7.59 -15.22 8.12
N LYS A 270 7.94 -16.50 8.10
CA LYS A 270 8.40 -17.18 9.31
C LYS A 270 9.39 -18.26 8.90
N THR A 271 10.49 -18.35 9.64
CA THR A 271 11.56 -19.30 9.35
C THR A 271 11.45 -20.50 10.27
N PHE A 272 11.41 -21.69 9.68
CA PHE A 272 11.29 -22.94 10.43
C PHE A 272 12.64 -23.65 10.48
N TYR A 273 12.97 -24.18 11.64
CA TYR A 273 14.19 -24.95 11.85
C TYR A 273 13.77 -26.38 12.21
N LEU A 274 13.84 -27.27 11.22
CA LEU A 274 13.26 -28.60 11.31
C LEU A 274 14.35 -29.65 11.56
N ILE A 275 14.10 -30.54 12.52
CA ILE A 275 15.00 -31.64 12.84
C ILE A 275 14.21 -32.95 12.73
N ARG A 276 14.77 -33.89 11.97
CA ARG A 276 14.08 -35.16 11.73
C ARG A 276 13.98 -35.96 13.02
N PRO A 277 12.84 -36.56 13.30
CA PRO A 277 12.69 -37.30 14.56
C PRO A 277 13.41 -38.64 14.56
N ALA A 278 14.73 -38.61 14.43
CA ALA A 278 15.52 -39.82 14.56
C ALA A 278 15.51 -40.29 16.00
N SER A 279 15.90 -41.56 16.20
CA SER A 279 15.87 -42.13 17.54
C SER A 279 16.77 -41.35 18.49
N ALA A 280 17.97 -40.99 18.02
CA ALA A 280 18.89 -40.21 18.86
C ALA A 280 18.37 -38.80 19.10
N ASN A 281 17.79 -38.18 18.07
CA ASN A 281 17.31 -36.80 18.19
C ASN A 281 16.13 -36.71 19.16
N ILE A 282 15.22 -37.68 19.11
CA ILE A 282 14.08 -37.65 20.02
C ILE A 282 14.54 -37.82 21.47
N SER A 283 15.50 -38.72 21.70
CA SER A 283 16.04 -38.89 23.05
C SER A 283 16.71 -37.62 23.54
N LEU A 284 17.46 -36.94 22.66
CA LEU A 284 18.09 -35.68 23.06
C LEU A 284 17.04 -34.62 23.39
N TYR A 285 15.96 -34.58 22.62
CA TYR A 285 14.91 -33.58 22.88
C TYR A 285 14.27 -33.80 24.25
N GLU A 286 13.93 -35.06 24.57
CA GLU A 286 13.29 -35.32 25.85
C GLU A 286 14.21 -34.97 27.02
N ARG A 287 15.48 -35.33 26.93
CA ARG A 287 16.43 -34.96 27.97
C ARG A 287 16.61 -33.45 28.05
N TRP A 288 16.65 -32.79 26.89
CA TRP A 288 16.76 -31.33 26.87
C TRP A 288 15.49 -30.68 27.42
N ARG A 289 14.33 -31.09 26.91
CA ARG A 289 13.08 -30.43 27.30
C ARG A 289 12.77 -30.63 28.78
N SER A 290 13.18 -31.76 29.36
CA SER A 290 12.91 -32.01 30.77
C SER A 290 13.78 -31.15 31.67
N ALA A 291 14.97 -30.77 31.22
CA ALA A 291 15.86 -29.97 32.04
C ALA A 291 15.24 -28.61 32.34
N SER A 292 15.36 -28.19 33.60
CA SER A 292 14.76 -26.92 34.01
C SER A 292 15.39 -25.74 33.29
N ASN A 293 16.66 -25.87 32.88
CA ASN A 293 17.37 -24.80 32.19
C ASN A 293 17.33 -24.96 30.67
N HIS A 294 16.30 -25.61 30.15
CA HIS A 294 16.21 -25.83 28.71
C HIS A 294 16.04 -24.53 27.93
N SER A 295 15.64 -23.44 28.59
CA SER A 295 15.53 -22.15 27.94
C SER A 295 16.88 -21.47 27.73
N GLU A 296 17.95 -22.00 28.32
CA GLU A 296 19.29 -21.47 28.12
C GLU A 296 20.18 -22.38 27.29
N MET A 297 19.65 -23.48 26.76
CA MET A 297 20.42 -24.43 25.96
C MET A 297 19.87 -24.42 24.55
N PHE A 298 20.70 -23.97 23.59
CA PHE A 298 20.33 -24.00 22.19
C PHE A 298 20.30 -25.45 21.72
N PHE A 299 19.10 -25.98 21.45
CA PHE A 299 18.97 -27.40 21.16
C PHE A 299 19.55 -27.76 19.80
N ALA A 300 19.54 -26.83 18.84
CA ALA A 300 20.03 -27.13 17.50
C ALA A 300 21.51 -27.52 17.49
N ASP A 301 22.26 -27.15 18.52
CA ASP A 301 23.68 -27.49 18.60
C ASP A 301 23.92 -28.92 19.06
N GLN A 302 22.88 -29.64 19.47
CA GLN A 302 23.02 -31.02 19.89
C GLN A 302 22.68 -32.04 18.81
N VAL A 303 22.10 -31.60 17.70
CA VAL A 303 21.64 -32.51 16.65
C VAL A 303 22.63 -32.48 15.49
N ASP A 304 22.55 -33.51 14.65
CA ASP A 304 23.45 -33.61 13.52
C ASP A 304 23.09 -32.58 12.45
N LYS A 305 21.88 -32.66 11.90
CA LYS A 305 21.43 -31.77 10.84
C LYS A 305 20.15 -31.07 11.26
N CYS A 306 20.16 -29.74 11.20
CA CYS A 306 18.97 -28.93 11.44
C CYS A 306 18.77 -28.06 10.21
N TYR A 307 17.59 -28.16 9.60
CA TYR A 307 17.32 -27.55 8.30
C TYR A 307 16.61 -26.22 8.48
N LYS A 308 17.06 -25.21 7.74
CA LYS A 308 16.49 -23.87 7.81
C LYS A 308 15.49 -23.72 6.66
N CYS A 309 14.20 -23.65 7.01
CA CYS A 309 13.13 -23.51 6.03
C CYS A 309 12.49 -22.15 6.19
N ILE A 310 12.44 -21.40 5.11
CA ILE A 310 11.81 -20.08 5.08
C ILE A 310 10.45 -20.25 4.43
N VAL A 311 9.38 -20.04 5.20
CA VAL A 311 8.02 -20.10 4.69
C VAL A 311 7.55 -18.67 4.50
N LYS A 312 7.35 -18.27 3.25
CA LYS A 312 7.04 -16.89 2.94
C LYS A 312 5.53 -16.66 2.92
N GLN A 313 5.14 -15.42 2.60
CA GLN A 313 3.74 -15.05 2.59
C GLN A 313 2.98 -15.87 1.55
N GLY A 314 1.85 -16.43 1.96
CA GLY A 314 1.03 -17.24 1.09
C GLY A 314 1.48 -18.67 0.91
N GLN A 315 2.55 -19.08 1.58
CA GLN A 315 3.07 -20.44 1.46
C GLN A 315 2.55 -21.30 2.61
N THR A 316 2.40 -22.60 2.33
CA THR A 316 1.91 -23.56 3.31
C THR A 316 2.97 -24.62 3.55
N LEU A 317 3.29 -24.85 4.83
CA LEU A 317 4.27 -25.84 5.22
C LEU A 317 3.58 -26.96 5.99
N PHE A 318 3.75 -28.19 5.52
CA PHE A 318 3.23 -29.37 6.20
C PHE A 318 4.38 -30.06 6.93
N ILE A 319 4.20 -30.27 8.23
CA ILE A 319 5.24 -30.85 9.09
C ILE A 319 4.82 -32.26 9.45
N PRO A 320 5.67 -33.28 9.21
CA PRO A 320 5.28 -34.65 9.53
C PRO A 320 5.29 -34.93 11.03
N SER A 321 4.91 -36.14 11.41
CA SER A 321 4.78 -36.50 12.81
C SER A 321 6.14 -36.55 13.49
N GLY A 322 6.23 -35.96 14.68
CA GLY A 322 7.39 -36.09 15.53
C GLY A 322 8.55 -35.15 15.23
N TRP A 323 8.48 -34.34 14.18
CA TRP A 323 9.60 -33.47 13.84
C TRP A 323 9.80 -32.39 14.90
N ILE A 324 11.03 -32.25 15.36
CA ILE A 324 11.38 -31.20 16.32
C ILE A 324 11.66 -29.92 15.54
N TYR A 325 10.78 -28.93 15.68
CA TYR A 325 10.89 -27.71 14.90
C TYR A 325 10.80 -26.49 15.78
N ALA A 326 11.49 -25.43 15.37
CA ALA A 326 11.45 -24.13 16.00
C ALA A 326 11.25 -23.07 14.92
N THR A 327 10.60 -21.97 15.29
CA THR A 327 10.24 -20.93 14.34
C THR A 327 10.86 -19.59 14.73
N LEU A 328 11.43 -18.91 13.75
CA LEU A 328 11.92 -17.53 13.90
C LEU A 328 11.05 -16.61 13.06
N THR A 329 10.63 -15.50 13.64
CA THR A 329 9.74 -14.55 12.96
C THR A 329 10.47 -13.23 12.74
N PRO A 330 10.95 -12.95 11.53
CA PRO A 330 11.73 -11.73 11.28
C PRO A 330 10.88 -10.47 11.20
N VAL A 331 9.63 -10.61 10.76
CA VAL A 331 8.72 -9.48 10.63
C VAL A 331 7.37 -9.88 11.23
N ASP A 332 6.54 -8.87 11.50
CA ASP A 332 5.20 -9.14 12.00
C ASP A 332 4.47 -10.10 11.05
N CYS A 333 4.01 -11.22 11.60
CA CYS A 333 3.52 -12.33 10.80
C CYS A 333 2.19 -12.84 11.34
N LEU A 334 1.23 -13.02 10.45
CA LEU A 334 -0.06 -13.62 10.78
C LEU A 334 -0.16 -14.97 10.08
N ALA A 335 -0.37 -16.03 10.86
CA ALA A 335 -0.38 -17.38 10.31
C ALA A 335 -1.52 -18.19 10.91
N PHE A 336 -2.00 -19.16 10.14
CA PHE A 336 -3.01 -20.10 10.58
C PHE A 336 -2.42 -21.50 10.54
N ALA A 337 -2.66 -22.28 11.60
CA ALA A 337 -2.07 -23.60 11.72
C ALA A 337 -3.11 -24.59 12.21
N GLY A 338 -2.79 -25.88 12.05
CA GLY A 338 -3.66 -26.95 12.51
C GLY A 338 -2.93 -28.25 12.67
N HIS A 339 -3.30 -29.03 13.69
CA HIS A 339 -2.71 -30.32 13.98
C HIS A 339 -3.67 -31.43 13.58
N PHE A 340 -3.10 -32.56 13.13
CA PHE A 340 -3.93 -33.69 12.74
C PHE A 340 -3.14 -34.99 12.91
N LEU A 341 -3.89 -36.09 12.92
CA LEU A 341 -3.32 -37.43 13.05
C LEU A 341 -3.70 -38.25 11.82
N HIS A 342 -2.73 -38.98 11.27
CA HIS A 342 -2.93 -39.75 10.06
C HIS A 342 -2.35 -41.15 10.22
N SER A 343 -2.80 -42.06 9.36
CA SER A 343 -2.41 -43.46 9.43
C SER A 343 -0.98 -43.72 8.97
N LEU A 344 -0.32 -42.74 8.35
CA LEU A 344 1.01 -42.95 7.80
C LEU A 344 2.12 -42.90 8.85
N SER A 345 1.85 -42.40 10.04
CA SER A 345 2.86 -42.25 11.07
C SER A 345 2.32 -42.67 12.43
N VAL A 346 1.65 -43.83 12.46
CA VAL A 346 1.07 -44.32 13.70
C VAL A 346 2.16 -44.59 14.74
N GLU A 347 3.26 -45.20 14.31
CA GLU A 347 4.36 -45.49 15.23
C GLU A 347 4.95 -44.22 15.81
N MET A 348 5.24 -43.24 14.94
CA MET A 348 5.84 -42.00 15.40
C MET A 348 4.92 -41.22 16.31
N GLN A 349 3.61 -41.19 15.99
CA GLN A 349 2.67 -40.47 16.82
C GLN A 349 2.63 -41.04 18.24
N MET A 350 2.65 -42.37 18.36
CA MET A 350 2.69 -42.98 19.68
C MET A 350 4.00 -42.65 20.41
N ARG A 351 5.12 -42.70 19.69
CA ARG A 351 6.41 -42.44 20.33
C ARG A 351 6.50 -41.02 20.87
N ALA A 352 6.04 -40.05 20.10
CA ALA A 352 6.05 -38.67 20.59
C ALA A 352 5.08 -38.49 21.75
N TYR A 353 3.95 -39.19 21.73
CA TYR A 353 3.02 -39.14 22.86
C TYR A 353 3.66 -39.75 24.10
N GLU A 354 4.39 -40.85 23.96
CA GLU A 354 5.08 -41.43 25.10
C GLU A 354 6.10 -40.46 25.67
N VAL A 355 6.83 -39.77 24.80
CA VAL A 355 7.78 -38.76 25.26
C VAL A 355 7.05 -37.63 25.97
N GLU A 356 5.93 -37.18 25.40
CA GLU A 356 5.14 -36.13 26.02
C GLU A 356 4.56 -36.58 27.37
N ARG A 357 4.10 -37.83 27.44
CA ARG A 357 3.55 -38.35 28.69
C ARG A 357 4.61 -38.41 29.78
N ARG A 358 5.83 -38.83 29.43
CA ARG A 358 6.89 -38.90 30.43
C ARG A 358 7.35 -37.52 30.87
N LEU A 359 7.33 -36.54 29.96
CA LEU A 359 7.75 -35.19 30.32
C LEU A 359 6.80 -34.58 31.35
N LYS A 360 5.50 -34.84 31.21
CA LYS A 360 4.48 -34.26 32.09
C LYS A 360 4.56 -32.74 32.10
N LEU A 361 4.74 -32.15 30.91
CA LEU A 361 4.85 -30.71 30.76
C LEU A 361 3.47 -30.07 30.90
N GLY A 362 3.43 -28.76 30.73
CA GLY A 362 2.17 -28.04 30.83
C GLY A 362 1.20 -28.47 29.75
N SER A 363 -0.09 -28.55 30.11
CA SER A 363 -1.14 -29.00 29.21
C SER A 363 -1.76 -27.87 28.41
N LEU A 364 -1.06 -26.75 28.25
CA LEU A 364 -1.59 -25.65 27.44
C LEU A 364 -1.49 -25.97 25.95
N THR A 365 -0.38 -26.58 25.52
CA THR A 365 -0.16 -26.94 24.13
C THR A 365 -0.54 -28.39 23.85
N GLN A 366 -1.24 -29.04 24.78
CA GLN A 366 -1.54 -30.46 24.64
C GLN A 366 -2.57 -30.71 23.54
N PHE A 367 -2.71 -31.98 23.18
CA PHE A 367 -3.65 -32.46 22.18
C PHE A 367 -4.83 -33.10 22.91
N PRO A 368 -5.97 -32.41 23.00
CA PRO A 368 -7.08 -32.95 23.79
C PRO A 368 -7.59 -34.28 23.23
N ASN A 369 -7.88 -35.21 24.15
CA ASN A 369 -8.50 -36.49 23.83
C ASN A 369 -7.72 -37.24 22.74
N PHE A 370 -6.39 -37.21 22.84
CA PHE A 370 -5.58 -37.95 21.89
C PHE A 370 -5.85 -39.45 21.97
N GLU A 371 -5.95 -39.98 23.19
CA GLU A 371 -6.24 -41.41 23.34
C GLU A 371 -7.62 -41.75 22.80
N THR A 372 -8.58 -40.85 22.98
CA THR A 372 -9.94 -41.10 22.48
C THR A 372 -9.95 -41.24 20.96
N ALA A 373 -9.16 -40.42 20.27
CA ALA A 373 -9.03 -40.56 18.82
C ALA A 373 -8.39 -41.91 18.47
N CYS A 374 -7.41 -42.35 19.26
CA CYS A 374 -6.80 -43.65 19.04
C CYS A 374 -7.82 -44.77 19.23
N TRP A 375 -8.65 -44.67 20.27
CA TRP A 375 -9.68 -45.68 20.49
C TRP A 375 -10.65 -45.75 19.31
N TYR A 376 -11.05 -44.59 18.80
CA TYR A 376 -11.93 -44.56 17.63
C TYR A 376 -11.24 -45.13 16.40
N MET A 377 -9.95 -44.83 16.23
CA MET A 377 -9.19 -45.42 15.13
C MET A 377 -9.12 -46.93 15.25
N GLY A 378 -8.90 -47.43 16.47
CA GLY A 378 -8.87 -48.87 16.67
C GLY A 378 -10.19 -49.54 16.35
N LYS A 379 -11.31 -48.85 16.64
CA LYS A 379 -12.61 -49.38 16.26
C LYS A 379 -12.75 -49.47 14.75
N HIS A 380 -12.26 -48.45 14.03
CA HIS A 380 -12.33 -48.48 12.57
C HIS A 380 -11.45 -49.59 12.00
N LEU A 381 -10.28 -49.81 12.60
CA LEU A 381 -9.39 -50.87 12.11
C LEU A 381 -10.04 -52.24 12.24
N LEU A 382 -10.77 -52.48 13.34
CA LEU A 382 -11.50 -53.73 13.48
C LEU A 382 -12.56 -53.88 12.40
N GLU A 383 -13.28 -52.81 12.09
CA GLU A 383 -14.24 -52.85 10.99
C GLU A 383 -13.54 -53.06 9.66
N ALA A 384 -12.37 -52.45 9.47
CA ALA A 384 -11.59 -52.69 8.25
C ALA A 384 -11.14 -54.13 8.16
N PHE A 385 -10.74 -54.72 9.29
CA PHE A 385 -10.39 -56.14 9.31
C PHE A 385 -11.59 -57.00 8.95
N LYS A 386 -12.77 -56.69 9.49
CA LYS A 386 -13.98 -57.42 9.12
C LYS A 386 -14.31 -57.22 7.64
N GLY A 387 -14.19 -55.99 7.16
CA GLY A 387 -14.42 -55.73 5.74
C GLY A 387 -13.40 -56.41 4.85
N SER A 388 -12.17 -56.55 5.32
CA SER A 388 -11.14 -57.25 4.54
C SER A 388 -11.53 -58.71 4.32
N HIS A 389 -12.09 -59.35 5.35
CA HIS A 389 -12.59 -60.72 5.18
C HIS A 389 -13.72 -60.76 4.17
N LYS A 390 -14.64 -59.79 4.25
CA LYS A 390 -15.78 -59.77 3.33
C LYS A 390 -15.35 -59.37 1.92
N SER A 391 -14.50 -58.34 1.81
CA SER A 391 -14.04 -57.88 0.51
C SER A 391 -12.97 -58.77 -0.11
N GLY A 392 -12.40 -59.71 0.66
CA GLY A 392 -11.41 -60.59 0.12
C GLY A 392 -10.09 -59.95 -0.23
N LYS A 393 -9.79 -58.79 0.37
CA LYS A 393 -8.56 -58.06 0.10
C LYS A 393 -7.77 -57.90 1.39
N GLN A 394 -6.44 -57.96 1.28
CA GLN A 394 -5.58 -57.76 2.44
C GLN A 394 -5.43 -56.28 2.76
N LEU A 395 -5.51 -55.95 4.04
CA LEU A 395 -5.27 -54.57 4.46
C LEU A 395 -3.80 -54.21 4.23
N PRO A 396 -3.51 -52.93 3.98
CA PRO A 396 -2.12 -52.53 3.77
C PRO A 396 -1.27 -52.84 4.97
N PRO A 397 0.00 -53.21 4.77
CA PRO A 397 0.85 -53.58 5.91
C PRO A 397 1.01 -52.48 6.95
N HIS A 398 1.03 -51.22 6.54
CA HIS A 398 1.21 -50.14 7.50
C HIS A 398 0.00 -49.99 8.42
N LEU A 399 -1.20 -50.29 7.91
CA LEU A 399 -2.37 -50.30 8.78
C LEU A 399 -2.33 -51.46 9.77
N VAL A 400 -1.93 -52.65 9.30
CA VAL A 400 -1.82 -53.80 10.19
C VAL A 400 -0.77 -53.55 11.27
N GLN A 401 0.38 -53.01 10.87
CA GLN A 401 1.39 -52.65 11.87
C GLN A 401 0.88 -51.57 12.80
N GLY A 402 0.17 -50.57 12.26
CA GLY A 402 -0.41 -49.54 13.11
C GLY A 402 -1.45 -50.10 14.06
N ALA A 403 -2.22 -51.10 13.61
CA ALA A 403 -3.16 -51.75 14.50
C ALA A 403 -2.44 -52.46 15.64
N LYS A 404 -1.31 -53.11 15.35
CA LYS A 404 -0.53 -53.74 16.40
C LYS A 404 -0.01 -52.70 17.39
N ILE A 405 0.43 -51.55 16.88
CA ILE A 405 0.92 -50.48 17.77
C ILE A 405 -0.21 -49.95 18.62
N LEU A 406 -1.37 -49.68 18.00
CA LEU A 406 -2.52 -49.18 18.77
C LEU A 406 -3.02 -50.22 19.75
N ASN A 407 -3.05 -51.49 19.34
CA ASN A 407 -3.51 -52.54 20.25
C ASN A 407 -2.61 -52.65 21.46
N GLY A 408 -1.30 -52.53 21.27
CA GLY A 408 -0.38 -52.52 22.41
C GLY A 408 -0.62 -51.34 23.33
N ALA A 409 -0.89 -50.17 22.75
CA ALA A 409 -1.23 -49.01 23.56
C ALA A 409 -2.54 -49.22 24.30
N PHE A 410 -3.51 -49.88 23.66
CA PHE A 410 -4.79 -50.15 24.31
C PHE A 410 -4.60 -51.01 25.55
N ARG A 411 -3.76 -52.05 25.46
CA ARG A 411 -3.50 -52.89 26.63
C ARG A 411 -2.82 -52.11 27.74
N SER A 412 -1.84 -51.27 27.39
CA SER A 412 -1.15 -50.48 28.40
C SER A 412 -2.09 -49.48 29.07
N TRP A 413 -2.98 -48.86 28.29
CA TRP A 413 -3.92 -47.89 28.84
C TRP A 413 -4.96 -48.55 29.74
N THR A 414 -5.41 -49.74 29.37
CA THR A 414 -6.44 -50.44 30.14
C THR A 414 -5.87 -51.56 31.00
N LYS A 415 -4.57 -51.55 31.26
CA LYS A 415 -4.00 -52.46 32.24
C LYS A 415 -4.58 -52.17 33.61
N LYS A 416 -4.74 -53.22 34.41
CA LYS A 416 -5.40 -53.07 35.70
C LYS A 416 -4.65 -52.10 36.62
N GLN A 417 -3.34 -51.97 36.44
CA GLN A 417 -2.56 -51.04 37.24
C GLN A 417 -2.72 -49.59 36.78
N ALA A 418 -3.00 -49.36 35.49
CA ALA A 418 -3.01 -48.01 34.93
C ALA A 418 -4.32 -47.66 34.24
N LEU A 419 -5.42 -48.32 34.59
CA LEU A 419 -6.70 -48.00 33.95
C LEU A 419 -7.24 -46.66 34.45
N ALA A 420 -6.92 -46.27 35.68
CA ALA A 420 -7.50 -45.06 36.26
C ALA A 420 -7.11 -43.82 35.47
N GLU A 421 -5.88 -43.76 34.98
CA GLU A 421 -5.40 -42.58 34.27
C GLU A 421 -6.12 -42.41 32.93
N HIS A 422 -6.25 -43.49 32.16
CA HIS A 422 -6.75 -43.42 30.79
C HIS A 422 -8.25 -43.66 30.69
N GLU A 423 -8.95 -43.91 31.80
CA GLU A 423 -10.38 -44.18 31.73
C GLU A 423 -11.16 -42.94 31.30
N ASP A 424 -10.72 -41.75 31.70
CA ASP A 424 -11.44 -40.53 31.36
C ASP A 424 -11.47 -40.28 29.86
N GLU A 425 -10.53 -40.84 29.11
CA GLU A 425 -10.50 -40.71 27.66
C GLU A 425 -10.99 -41.97 26.95
N LEU A 426 -11.82 -42.77 27.64
CA LEU A 426 -12.42 -43.95 27.05
C LEU A 426 -13.79 -43.59 26.49
N PRO A 427 -14.07 -43.86 25.22
CA PRO A 427 -15.36 -43.49 24.65
C PRO A 427 -16.50 -44.27 25.29
N GLU A 428 -17.70 -43.73 25.12
CA GLU A 428 -18.89 -44.34 25.71
C GLU A 428 -19.19 -45.69 25.06
N HIS A 429 -19.75 -46.59 25.86
CA HIS A 429 -20.17 -47.91 25.38
C HIS A 429 -19.02 -48.67 24.72
N PHE A 430 -17.84 -48.58 25.33
CA PHE A 430 -16.63 -49.18 24.80
C PHE A 430 -16.16 -50.30 25.72
N LYS A 431 -15.93 -51.47 25.13
CA LYS A 431 -15.33 -52.59 25.86
C LYS A 431 -13.91 -52.78 25.38
N PRO A 432 -12.91 -52.23 26.09
CA PRO A 432 -11.52 -52.40 25.64
C PRO A 432 -11.08 -53.84 25.55
N SER A 433 -11.53 -54.69 26.48
CA SER A 433 -11.14 -56.09 26.46
C SER A 433 -11.64 -56.78 25.20
N GLN A 434 -12.89 -56.51 24.82
CA GLN A 434 -13.41 -57.05 23.56
C GLN A 434 -12.67 -56.46 22.37
N LEU A 435 -12.41 -55.15 22.38
CA LEU A 435 -11.71 -54.51 21.27
C LEU A 435 -10.28 -55.03 21.13
N ILE A 436 -9.58 -55.17 22.25
CA ILE A 436 -8.19 -55.64 22.20
C ILE A 436 -8.12 -57.08 21.72
N LYS A 437 -8.98 -57.94 22.26
CA LYS A 437 -8.95 -59.35 21.87
C LYS A 437 -9.27 -59.53 20.39
N ASP A 438 -10.26 -58.78 19.89
CA ASP A 438 -10.62 -58.87 18.48
C ASP A 438 -9.49 -58.38 17.58
N LEU A 439 -8.83 -57.29 17.97
CA LEU A 439 -7.72 -56.77 17.16
C LEU A 439 -6.57 -57.77 17.10
N ALA A 440 -6.23 -58.38 18.23
CA ALA A 440 -5.12 -59.34 18.24
C ALA A 440 -5.41 -60.54 17.34
N LYS A 441 -6.65 -61.04 17.38
CA LYS A 441 -7.00 -62.17 16.52
C LYS A 441 -6.95 -61.77 15.05
N GLU A 442 -7.55 -60.63 14.71
CA GLU A 442 -7.57 -60.18 13.32
C GLU A 442 -6.16 -59.89 12.82
N ILE A 443 -5.31 -59.27 13.66
CA ILE A 443 -3.92 -59.05 13.28
C ILE A 443 -3.19 -60.37 13.08
N ARG A 444 -3.48 -61.35 13.94
CA ARG A 444 -2.88 -62.68 13.76
C ARG A 444 -3.30 -63.29 12.44
N LEU A 445 -4.57 -63.14 12.06
CA LEU A 445 -5.02 -63.66 10.77
C LEU A 445 -4.34 -62.95 9.61
N SER A 446 -4.24 -61.62 9.68
CA SER A 446 -3.71 -60.84 8.57
C SER A 446 -2.21 -61.05 8.38
N GLU A 447 -1.49 -61.49 9.41
CA GLU A 447 -0.06 -61.72 9.29
C GLU A 447 0.24 -62.92 8.40
N ASN A 448 -0.69 -63.85 8.24
CA ASN A 448 -0.47 -65.03 7.42
C ASN A 448 -0.45 -64.68 5.93
N ASN B 4 -17.13 -0.08 5.98
CA ASN B 4 -16.71 1.00 5.09
C ASN B 4 -15.63 0.50 4.13
N MET B 5 -16.02 0.22 2.89
CA MET B 5 -15.10 -0.29 1.87
C MET B 5 -15.29 0.50 0.58
N ALA B 6 -14.53 0.11 -0.45
CA ALA B 6 -14.60 0.72 -1.77
C ALA B 6 -13.98 -0.22 -2.78
N THR B 7 -14.19 0.09 -4.06
CA THR B 7 -13.68 -0.71 -5.16
C THR B 7 -12.45 -0.03 -5.77
N VAL B 8 -11.34 -0.77 -5.82
CA VAL B 8 -10.08 -0.23 -6.31
C VAL B 8 -9.50 -1.20 -7.32
N PRO B 9 -8.66 -0.71 -8.24
CA PRO B 9 -8.00 -1.61 -9.19
C PRO B 9 -7.12 -2.64 -8.50
N VAL B 10 -7.08 -3.84 -9.07
CA VAL B 10 -6.28 -4.94 -8.56
C VAL B 10 -5.43 -5.51 -9.69
N TYR B 11 -4.33 -6.15 -9.31
CA TYR B 11 -3.33 -6.61 -10.26
C TYR B 11 -2.87 -8.02 -9.88
N CYS B 12 -2.07 -8.60 -10.78
CA CYS B 12 -1.36 -9.85 -10.56
C CYS B 12 -2.27 -11.05 -10.40
N VAL B 13 -1.67 -12.25 -10.29
CA VAL B 13 -2.44 -13.47 -10.11
C VAL B 13 -3.08 -13.52 -8.73
N CYS B 14 -2.45 -12.91 -7.73
CA CYS B 14 -3.02 -12.87 -6.39
C CYS B 14 -4.24 -11.96 -6.30
N ARG B 15 -4.52 -11.17 -7.35
CA ARG B 15 -5.72 -10.33 -7.42
C ARG B 15 -5.79 -9.38 -6.21
N LEU B 16 -4.66 -8.75 -5.91
CA LEU B 16 -4.56 -7.83 -4.79
C LEU B 16 -4.37 -6.40 -5.29
N PRO B 17 -4.78 -5.41 -4.51
CA PRO B 17 -4.51 -4.01 -4.87
C PRO B 17 -3.02 -3.72 -4.84
N TYR B 18 -2.66 -2.56 -5.37
CA TYR B 18 -1.25 -2.22 -5.53
C TYR B 18 -0.58 -2.05 -4.16
N ASP B 19 0.47 -2.83 -3.92
CA ASP B 19 1.28 -2.71 -2.72
C ASP B 19 2.57 -1.97 -3.09
N VAL B 20 2.78 -0.80 -2.48
CA VAL B 20 3.92 0.04 -2.85
C VAL B 20 5.24 -0.59 -2.44
N THR B 21 5.22 -1.57 -1.54
CA THR B 21 6.44 -2.20 -1.04
C THR B 21 6.80 -3.49 -1.77
N ARG B 22 6.06 -3.86 -2.80
CA ARG B 22 6.29 -5.10 -3.54
C ARG B 22 6.66 -4.77 -4.98
N PHE B 23 7.74 -5.37 -5.47
CA PHE B 23 8.17 -5.16 -6.84
C PHE B 23 7.19 -5.81 -7.82
N MET B 24 6.85 -5.07 -8.88
CA MET B 24 5.92 -5.55 -9.88
C MET B 24 6.50 -5.35 -11.28
N ILE B 25 6.13 -6.25 -12.18
CA ILE B 25 6.55 -6.19 -13.58
C ILE B 25 5.34 -6.43 -14.47
N GLU B 26 5.21 -5.63 -15.52
CA GLU B 26 4.06 -5.71 -16.40
C GLU B 26 4.32 -6.68 -17.54
N CYS B 27 3.37 -7.58 -17.77
CA CYS B 27 3.42 -8.45 -18.93
C CYS B 27 2.97 -7.69 -20.17
N ASP B 28 3.77 -7.77 -21.24
CA ASP B 28 3.48 -6.99 -22.44
C ASP B 28 2.26 -7.53 -23.19
N ALA B 29 1.98 -8.83 -23.07
CA ALA B 29 0.86 -9.40 -23.80
C ALA B 29 -0.48 -8.94 -23.25
N CYS B 30 -0.73 -9.21 -21.97
CA CYS B 30 -2.01 -8.89 -21.34
C CYS B 30 -2.01 -7.54 -20.63
N LYS B 31 -0.88 -6.82 -20.64
CA LYS B 31 -0.78 -5.48 -20.03
C LYS B 31 -1.19 -5.49 -18.56
N ASP B 32 -0.78 -6.52 -17.83
CA ASP B 32 -1.11 -6.66 -16.42
C ASP B 32 0.18 -6.70 -15.61
N TRP B 33 0.12 -6.12 -14.41
CA TRP B 33 1.26 -6.04 -13.52
C TRP B 33 1.23 -7.20 -12.54
N PHE B 34 2.35 -7.91 -12.43
CA PHE B 34 2.46 -9.09 -11.57
C PHE B 34 3.58 -8.87 -10.56
N HIS B 35 3.33 -9.29 -9.32
CA HIS B 35 4.37 -9.20 -8.30
C HIS B 35 5.56 -10.07 -8.69
N GLY B 36 6.76 -9.51 -8.53
CA GLY B 36 7.96 -10.28 -8.84
C GLY B 36 8.07 -11.52 -7.97
N SER B 37 7.68 -11.41 -6.70
CA SER B 37 7.66 -12.58 -5.83
C SER B 37 6.65 -13.62 -6.33
N CYS B 38 5.49 -13.17 -6.81
CA CYS B 38 4.46 -14.11 -7.25
C CYS B 38 4.91 -14.92 -8.45
N VAL B 39 5.55 -14.28 -9.43
CA VAL B 39 5.91 -14.94 -10.68
C VAL B 39 7.37 -15.36 -10.70
N GLY B 40 8.06 -15.31 -9.57
CA GLY B 40 9.44 -15.75 -9.50
C GLY B 40 10.40 -14.92 -10.32
N VAL B 41 10.27 -13.59 -10.25
CA VAL B 41 11.16 -12.67 -10.95
C VAL B 41 11.67 -11.68 -9.91
N GLU B 42 12.92 -11.85 -9.50
CA GLU B 42 13.50 -10.94 -8.52
C GLU B 42 13.74 -9.57 -9.15
N GLU B 43 13.76 -8.54 -8.28
CA GLU B 43 13.94 -7.19 -8.76
C GLU B 43 15.33 -6.96 -9.32
N GLU B 44 16.31 -7.75 -8.89
CA GLU B 44 17.68 -7.60 -9.38
C GLU B 44 17.76 -7.92 -10.88
N GLU B 45 17.04 -8.94 -11.32
CA GLU B 45 17.09 -9.38 -12.70
C GLU B 45 16.12 -8.63 -13.61
N ALA B 46 15.28 -7.75 -13.04
CA ALA B 46 14.34 -7.00 -13.87
C ALA B 46 15.00 -6.15 -14.94
N PRO B 47 16.10 -5.41 -14.69
CA PRO B 47 16.71 -4.62 -15.77
C PRO B 47 17.15 -5.44 -16.96
N ASP B 48 17.53 -6.70 -16.75
CA ASP B 48 17.97 -7.55 -17.85
C ASP B 48 16.82 -8.00 -18.75
N ILE B 49 15.59 -7.93 -18.26
CA ILE B 49 14.43 -8.42 -19.00
C ILE B 49 14.01 -7.35 -20.02
N ASP B 50 14.09 -7.70 -21.31
CA ASP B 50 13.64 -6.79 -22.36
C ASP B 50 12.13 -6.85 -22.53
N ILE B 51 11.60 -8.01 -22.89
CA ILE B 51 10.16 -8.24 -23.01
C ILE B 51 9.76 -9.24 -21.94
N TYR B 52 8.72 -8.91 -21.18
CA TYR B 52 8.21 -9.83 -20.16
C TYR B 52 6.83 -10.33 -20.56
N HIS B 53 6.68 -11.66 -20.56
CA HIS B 53 5.39 -12.31 -20.69
C HIS B 53 5.13 -13.13 -19.44
N CYS B 54 3.95 -12.94 -18.84
CA CYS B 54 3.60 -13.69 -17.66
C CYS B 54 3.43 -15.17 -18.00
N PRO B 55 3.52 -16.05 -17.00
CA PRO B 55 3.45 -17.49 -17.30
C PRO B 55 2.21 -17.90 -18.08
N ASN B 56 1.06 -17.24 -17.83
CA ASN B 56 -0.13 -17.53 -18.63
C ASN B 56 0.08 -17.13 -20.09
N CYS B 57 0.69 -15.97 -20.32
CA CYS B 57 0.88 -15.48 -21.69
C CYS B 57 2.02 -16.19 -22.41
N GLU B 58 3.00 -16.71 -21.68
CA GLU B 58 4.12 -17.40 -22.31
C GLU B 58 3.68 -18.65 -23.05
N LYS B 59 2.49 -19.19 -22.73
CA LYS B 59 2.01 -20.37 -23.43
C LYS B 59 1.82 -20.12 -24.91
N THR B 60 1.27 -18.96 -25.26
CA THR B 60 0.94 -18.63 -26.64
C THR B 60 1.80 -17.52 -27.23
N HIS B 61 2.04 -16.45 -26.47
CA HIS B 61 2.70 -15.26 -26.99
C HIS B 61 4.23 -15.30 -26.86
N GLY B 62 4.79 -16.40 -26.40
CA GLY B 62 6.23 -16.55 -26.40
C GLY B 62 6.86 -16.26 -25.05
N LYS B 63 8.06 -16.79 -24.85
CA LYS B 63 8.79 -16.60 -23.61
C LYS B 63 9.27 -15.15 -23.48
N SER B 64 9.69 -14.79 -22.28
CA SER B 64 10.26 -13.49 -22.03
C SER B 64 11.60 -13.34 -22.77
N THR B 65 11.88 -12.11 -23.19
CA THR B 65 13.07 -11.81 -23.97
C THR B 65 14.11 -11.11 -23.11
N LEU B 66 15.33 -11.65 -23.09
CA LEU B 66 16.43 -11.00 -22.41
C LEU B 66 17.03 -9.89 -23.27
N LYS B 67 17.50 -8.84 -22.60
CA LYS B 67 18.15 -7.72 -23.27
C LYS B 67 19.66 -7.95 -23.32
N LYS B 68 20.23 -7.83 -24.51
CA LYS B 68 21.66 -8.05 -24.70
C LYS B 68 22.47 -6.89 -24.12
N VAL B 86 28.51 24.52 -10.90
CA VAL B 86 27.32 24.15 -10.14
C VAL B 86 26.07 24.36 -10.98
N GLN B 87 25.95 23.59 -12.06
CA GLN B 87 24.83 23.74 -12.98
C GLN B 87 23.52 23.35 -12.32
N ASN B 88 22.45 24.06 -12.70
CA ASN B 88 21.12 23.75 -12.19
C ASN B 88 20.63 22.40 -12.71
N GLY B 89 19.91 21.68 -11.85
CA GLY B 89 19.34 20.40 -12.22
C GLY B 89 20.24 19.21 -12.00
N SER B 90 21.50 19.42 -11.64
CA SER B 90 22.41 18.32 -11.36
C SER B 90 22.14 17.74 -9.97
N GLN B 91 22.71 16.57 -9.72
CA GLN B 91 22.50 15.89 -8.44
C GLN B 91 23.09 16.70 -7.28
N LEU B 92 24.24 17.35 -7.51
CA LEU B 92 24.86 18.15 -6.47
C LEU B 92 24.09 19.43 -6.19
N PHE B 93 23.46 20.02 -7.22
CA PHE B 93 22.70 21.25 -7.02
C PHE B 93 21.46 21.00 -6.18
N ILE B 94 20.69 19.96 -6.51
CA ILE B 94 19.46 19.68 -5.77
C ILE B 94 19.77 19.28 -4.33
N LYS B 95 20.87 18.55 -4.13
CA LYS B 95 21.29 18.21 -2.78
C LYS B 95 21.64 19.46 -1.98
N GLU B 96 22.32 20.41 -2.61
CA GLU B 96 22.56 21.70 -1.97
C GLU B 96 21.27 22.50 -1.83
N LEU B 97 20.36 22.37 -2.80
CA LEU B 97 19.08 23.07 -2.72
C LEU B 97 18.26 22.59 -1.53
N ARG B 98 18.20 21.27 -1.32
CA ARG B 98 17.50 20.74 -0.16
C ARG B 98 18.22 21.08 1.14
N SER B 99 19.52 21.34 1.09
CA SER B 99 20.26 21.71 2.29
C SER B 99 19.97 23.14 2.71
N ARG B 100 19.62 24.02 1.78
CA ARG B 100 19.39 25.42 2.09
C ARG B 100 18.17 25.59 2.99
N THR B 101 18.23 26.59 3.85
CA THR B 101 17.14 26.95 4.75
C THR B 101 16.40 28.14 4.18
N PHE B 102 15.11 27.95 3.89
CA PHE B 102 14.26 28.99 3.34
C PHE B 102 13.23 29.42 4.37
N PRO B 103 12.78 30.67 4.33
CA PRO B 103 11.72 31.10 5.25
C PRO B 103 10.45 30.29 5.03
N SER B 104 9.76 30.00 6.13
CA SER B 104 8.58 29.15 6.08
C SER B 104 7.45 29.84 5.33
N ALA B 105 6.69 29.06 4.55
CA ALA B 105 5.58 29.60 3.78
C ALA B 105 4.39 29.98 4.64
N GLU B 106 4.38 29.60 5.93
CA GLU B 106 3.23 29.88 6.78
C GLU B 106 2.96 31.37 6.93
N ASP B 107 3.96 32.22 6.67
CA ASP B 107 3.75 33.65 6.80
C ASP B 107 2.91 34.21 5.66
N VAL B 108 3.13 33.73 4.44
CA VAL B 108 2.52 34.29 3.25
C VAL B 108 1.49 33.35 2.63
N VAL B 109 1.79 32.06 2.56
CA VAL B 109 0.89 31.11 1.92
C VAL B 109 -0.29 30.83 2.86
N ALA B 110 -1.49 31.09 2.37
CA ALA B 110 -2.71 30.93 3.16
C ALA B 110 -3.21 29.50 3.09
N ARG B 111 -3.74 29.01 4.21
CA ARG B 111 -4.29 27.66 4.31
C ARG B 111 -5.81 27.80 4.45
N VAL B 112 -6.52 27.54 3.36
CA VAL B 112 -7.95 27.82 3.26
C VAL B 112 -8.67 26.53 2.93
N PRO B 113 -9.77 26.21 3.61
CA PRO B 113 -10.58 25.05 3.20
C PRO B 113 -11.19 25.27 1.82
N GLY B 114 -11.41 24.16 1.12
CA GLY B 114 -11.93 24.26 -0.25
C GLY B 114 -13.28 24.94 -0.32
N SER B 115 -14.20 24.57 0.56
CA SER B 115 -15.52 25.18 0.55
C SER B 115 -15.46 26.66 0.88
N GLN B 116 -14.41 27.11 1.56
CA GLN B 116 -14.26 28.52 1.92
C GLN B 116 -13.59 29.34 0.83
N LEU B 117 -13.04 28.70 -0.20
CA LEU B 117 -12.35 29.41 -1.28
C LEU B 117 -13.38 29.78 -2.34
N THR B 118 -14.10 30.88 -2.07
CA THR B 118 -15.18 31.36 -2.90
C THR B 118 -14.76 32.64 -3.63
N LEU B 119 -15.65 33.12 -4.49
CA LEU B 119 -15.37 34.35 -5.24
C LEU B 119 -15.31 35.57 -4.33
N GLY B 120 -16.11 35.58 -3.26
CA GLY B 120 -16.04 36.66 -2.30
C GLY B 120 -14.72 36.70 -1.57
N TYR B 121 -14.17 35.52 -1.25
CA TYR B 121 -12.86 35.47 -0.60
C TYR B 121 -11.77 36.04 -1.51
N MET B 122 -11.84 35.74 -2.81
CA MET B 122 -10.85 36.28 -3.74
C MET B 122 -10.93 37.80 -3.81
N GLU B 123 -12.14 38.36 -3.84
CA GLU B 123 -12.28 39.81 -3.90
C GLU B 123 -11.88 40.44 -2.57
N GLU B 124 -12.19 39.78 -1.46
CA GLU B 124 -11.84 40.32 -0.15
C GLU B 124 -10.32 40.38 0.05
N HIS B 125 -9.61 39.33 -0.38
CA HIS B 125 -8.18 39.25 -0.19
C HIS B 125 -7.36 39.67 -1.40
N GLY B 126 -7.96 39.73 -2.59
CA GLY B 126 -7.29 40.22 -3.76
C GLY B 126 -6.42 39.21 -4.49
N PHE B 127 -6.31 37.98 -3.99
CA PHE B 127 -5.48 36.94 -4.58
C PHE B 127 -4.08 37.45 -4.88
N THR B 128 -3.43 38.01 -3.86
CA THR B 128 -2.08 38.53 -3.98
C THR B 128 -1.04 37.57 -3.41
N GLU B 129 -1.45 36.53 -2.71
CA GLU B 129 -0.53 35.56 -2.13
C GLU B 129 -1.07 34.15 -2.37
N PRO B 130 -0.18 33.15 -2.45
CA PRO B 130 -0.63 31.80 -2.77
C PRO B 130 -1.56 31.24 -1.71
N ILE B 131 -2.47 30.38 -2.17
CA ILE B 131 -3.46 29.73 -1.32
C ILE B 131 -3.22 28.22 -1.37
N LEU B 132 -3.23 27.58 -0.21
CA LEU B 132 -3.08 26.13 -0.12
C LEU B 132 -4.37 25.54 0.43
N VAL B 133 -4.89 24.54 -0.27
CA VAL B 133 -6.11 23.85 0.18
C VAL B 133 -5.76 22.41 0.53
N PRO B 134 -5.64 22.07 1.81
CA PRO B 134 -5.15 20.73 2.19
C PRO B 134 -6.00 19.59 1.65
N LYS B 135 -7.32 19.75 1.60
CA LYS B 135 -8.23 18.72 1.13
C LYS B 135 -9.10 19.30 0.03
N LYS B 136 -9.24 18.55 -1.08
CA LYS B 136 -10.03 19.01 -2.22
C LYS B 136 -11.52 19.11 -1.93
N ASP B 137 -11.95 18.83 -0.69
CA ASP B 137 -13.36 18.89 -0.36
C ASP B 137 -13.85 20.34 -0.44
N GLY B 138 -14.90 20.57 -1.24
CA GLY B 138 -15.49 21.88 -1.39
C GLY B 138 -14.96 22.70 -2.53
N LEU B 139 -13.77 22.37 -3.06
CA LEU B 139 -13.21 23.13 -4.17
C LEU B 139 -14.00 22.95 -5.45
N GLY B 140 -14.80 21.91 -5.56
CA GLY B 140 -15.38 21.54 -6.83
C GLY B 140 -14.42 20.84 -7.76
N LEU B 141 -13.22 20.51 -7.29
CA LEU B 141 -12.21 19.89 -8.14
C LEU B 141 -12.59 18.44 -8.45
N ALA B 142 -12.40 18.07 -9.71
CA ALA B 142 -12.60 16.70 -10.16
C ALA B 142 -11.25 16.13 -10.58
N VAL B 143 -10.80 15.10 -9.88
CA VAL B 143 -9.55 14.40 -10.22
C VAL B 143 -9.77 12.91 -10.02
N PRO B 144 -8.97 12.09 -10.70
CA PRO B 144 -9.08 10.64 -10.49
C PRO B 144 -8.74 10.25 -9.07
N ALA B 145 -9.21 9.06 -8.68
CA ALA B 145 -8.90 8.55 -7.35
C ALA B 145 -7.39 8.32 -7.24
N PRO B 146 -6.84 8.34 -6.03
CA PRO B 146 -5.39 8.14 -5.88
C PRO B 146 -4.87 6.86 -6.49
N THR B 147 -5.74 5.89 -6.77
CA THR B 147 -5.34 4.70 -7.50
C THR B 147 -5.38 4.94 -9.00
N PHE B 148 -4.72 6.02 -9.44
CA PHE B 148 -4.63 6.38 -10.86
C PHE B 148 -3.16 6.60 -11.16
N TYR B 149 -2.57 5.68 -11.93
CA TYR B 149 -1.13 5.63 -12.11
C TYR B 149 -0.75 6.12 -13.50
N VAL B 150 0.56 6.31 -13.69
CA VAL B 150 1.07 6.79 -14.97
C VAL B 150 0.73 5.81 -16.09
N SER B 151 0.62 4.53 -15.76
CA SER B 151 0.16 3.55 -16.75
C SER B 151 -1.24 3.88 -17.24
N ASP B 152 -2.13 4.29 -16.33
CA ASP B 152 -3.45 4.75 -16.73
C ASP B 152 -3.36 6.05 -17.53
N VAL B 153 -2.42 6.92 -17.17
CA VAL B 153 -2.25 8.18 -17.91
C VAL B 153 -1.89 7.90 -19.36
N GLU B 154 -1.04 6.91 -19.59
CA GLU B 154 -0.65 6.57 -20.96
C GLU B 154 -1.84 6.11 -21.79
N ASN B 155 -2.71 5.29 -21.18
CA ASN B 155 -3.83 4.71 -21.93
C ASN B 155 -4.81 5.79 -22.40
N TYR B 156 -5.21 6.69 -21.49
CA TYR B 156 -6.22 7.68 -21.85
C TYR B 156 -5.65 8.78 -22.74
N VAL B 157 -4.42 9.22 -22.46
CA VAL B 157 -3.79 10.23 -23.31
C VAL B 157 -3.43 9.64 -24.67
N GLY B 158 -2.97 8.39 -24.69
CA GLY B 158 -2.56 7.75 -25.91
C GLY B 158 -1.08 7.46 -25.93
N PRO B 159 -0.72 6.18 -26.02
CA PRO B 159 0.71 5.82 -26.02
C PRO B 159 1.49 6.42 -27.18
N GLU B 160 0.85 6.62 -28.34
CA GLU B 160 1.56 7.15 -29.50
C GLU B 160 1.64 8.67 -29.51
N ARG B 161 0.98 9.35 -28.58
CA ARG B 161 1.00 10.81 -28.57
C ARG B 161 2.39 11.33 -28.21
N SER B 162 2.94 12.17 -29.08
CA SER B 162 4.23 12.78 -28.82
C SER B 162 4.09 13.88 -27.77
N VAL B 163 4.96 13.86 -26.76
CA VAL B 163 4.88 14.78 -25.64
C VAL B 163 6.23 15.48 -25.44
N ASP B 164 6.18 16.62 -24.77
CA ASP B 164 7.36 17.42 -24.49
C ASP B 164 8.00 16.90 -23.19
N VAL B 165 9.20 16.34 -23.31
CA VAL B 165 9.92 15.77 -22.18
C VAL B 165 11.13 16.66 -21.89
N THR B 166 11.27 17.07 -20.63
CA THR B 166 12.33 17.98 -20.21
C THR B 166 13.44 17.19 -19.55
N ASP B 167 14.62 17.20 -20.17
CA ASP B 167 15.81 16.60 -19.57
C ASP B 167 16.30 17.56 -18.48
N VAL B 168 15.95 17.25 -17.23
CA VAL B 168 16.23 18.17 -16.11
C VAL B 168 17.73 18.37 -15.95
N THR B 169 18.50 17.29 -15.99
CA THR B 169 19.94 17.40 -15.78
C THR B 169 20.60 18.23 -16.89
N LYS B 170 20.20 18.00 -18.14
CA LYS B 170 20.73 18.75 -19.27
C LYS B 170 20.01 20.07 -19.51
N GLN B 171 18.87 20.29 -18.87
CA GLN B 171 18.07 21.51 -19.05
C GLN B 171 17.77 21.76 -20.52
N LYS B 172 17.35 20.70 -21.21
CA LYS B 172 16.98 20.77 -22.62
C LYS B 172 15.66 20.06 -22.84
N ASP B 173 14.97 20.45 -23.91
CA ASP B 173 13.67 19.89 -24.25
C ASP B 173 13.77 19.09 -25.55
N CYS B 174 13.15 17.92 -25.57
CA CYS B 174 13.11 17.07 -26.74
C CYS B 174 11.76 16.37 -26.81
N LYS B 175 11.16 16.35 -28.00
CA LYS B 175 9.89 15.69 -28.20
C LYS B 175 10.10 14.19 -28.42
N MET B 176 9.22 13.39 -27.80
CA MET B 176 9.31 11.94 -27.90
C MET B 176 7.93 11.34 -27.68
N LYS B 177 7.77 10.10 -28.14
CA LYS B 177 6.51 9.39 -27.97
C LYS B 177 6.24 9.15 -26.49
N LEU B 178 4.95 9.17 -26.12
CA LEU B 178 4.57 9.00 -24.72
C LEU B 178 4.96 7.62 -24.22
N LYS B 179 4.78 6.58 -25.05
CA LYS B 179 5.15 5.24 -24.64
C LYS B 179 6.64 5.14 -24.34
N GLU B 180 7.47 5.89 -25.07
CA GLU B 180 8.90 5.87 -24.81
C GLU B 180 9.21 6.47 -23.45
N PHE B 181 8.53 7.56 -23.07
CA PHE B 181 8.76 8.16 -21.77
C PHE B 181 8.29 7.25 -20.64
N VAL B 182 7.09 6.69 -20.80
CA VAL B 182 6.56 5.82 -19.74
C VAL B 182 7.34 4.51 -19.68
N ASP B 183 8.02 4.12 -20.76
CA ASP B 183 8.99 3.03 -20.65
C ASP B 183 10.14 3.43 -19.74
N TYR B 184 10.63 4.67 -19.88
CA TYR B 184 11.65 5.18 -18.97
C TYR B 184 11.12 5.32 -17.56
N TYR B 185 9.86 5.74 -17.41
CA TYR B 185 9.29 5.95 -16.09
C TYR B 185 9.25 4.66 -15.29
N TYR B 186 8.86 3.55 -15.92
CA TYR B 186 8.74 2.26 -15.27
C TYR B 186 10.00 1.41 -15.42
N SER B 187 11.16 2.05 -15.48
CA SER B 187 12.43 1.36 -15.55
C SER B 187 13.23 1.65 -14.28
N THR B 188 13.82 0.61 -13.71
CA THR B 188 14.63 0.79 -12.52
C THR B 188 15.96 1.45 -12.88
N ASN B 189 16.51 2.21 -11.92
CA ASN B 189 17.79 2.91 -12.07
C ASN B 189 17.77 3.83 -13.29
N ARG B 190 16.91 4.84 -13.21
CA ARG B 190 16.78 5.84 -14.27
C ARG B 190 18.04 6.70 -14.28
N LYS B 191 18.93 6.45 -15.24
CA LYS B 191 20.15 7.23 -15.35
C LYS B 191 19.87 8.66 -15.78
N ARG B 192 18.73 8.91 -16.41
CA ARG B 192 18.35 10.25 -16.84
C ARG B 192 17.24 10.80 -15.93
N VAL B 193 17.19 12.12 -15.84
CA VAL B 193 16.15 12.81 -15.09
C VAL B 193 15.27 13.52 -16.12
N LEU B 194 14.12 12.92 -16.43
CA LEU B 194 13.23 13.42 -17.47
C LEU B 194 11.87 13.73 -16.87
N ASN B 195 11.32 14.89 -17.25
CA ASN B 195 10.05 15.36 -16.72
C ASN B 195 9.08 15.66 -17.87
N VAL B 196 7.79 15.44 -17.59
CA VAL B 196 6.71 15.83 -18.49
C VAL B 196 5.91 16.89 -17.75
N THR B 197 6.19 18.16 -18.03
CA THR B 197 5.51 19.27 -17.38
C THR B 197 4.59 20.03 -18.33
N ASN B 198 4.57 19.67 -19.61
CA ASN B 198 3.71 20.31 -20.61
C ASN B 198 2.97 19.20 -21.34
N LEU B 199 1.85 18.77 -20.76
CA LEU B 199 1.00 17.74 -21.35
C LEU B 199 -0.44 18.17 -21.07
N GLU B 200 -1.02 18.89 -22.02
CA GLU B 200 -2.40 19.37 -21.91
C GLU B 200 -3.31 18.32 -22.52
N PHE B 201 -4.00 17.56 -21.68
CA PHE B 201 -4.77 16.40 -22.12
C PHE B 201 -6.22 16.75 -22.43
N SER B 202 -6.56 18.02 -22.61
CA SER B 202 -7.95 18.36 -22.90
C SER B 202 -8.37 17.99 -24.32
N ASP B 203 -7.49 17.32 -25.09
CA ASP B 203 -7.85 16.82 -26.41
C ASP B 203 -7.82 15.30 -26.48
N THR B 204 -7.81 14.63 -25.33
CA THR B 204 -7.78 13.18 -25.24
C THR B 204 -8.93 12.70 -24.35
N ARG B 205 -9.01 11.38 -24.18
CA ARG B 205 -10.08 10.82 -23.34
C ARG B 205 -9.92 11.24 -21.89
N MET B 206 -8.68 11.53 -21.45
CA MET B 206 -8.44 11.89 -20.06
C MET B 206 -9.00 13.26 -19.69
N SER B 207 -9.44 14.05 -20.68
CA SER B 207 -10.02 15.36 -20.37
C SER B 207 -11.24 15.25 -19.49
N SER B 208 -12.00 14.15 -19.62
CA SER B 208 -13.22 13.96 -18.83
C SER B 208 -12.93 13.49 -17.41
N PHE B 209 -11.68 13.17 -17.09
CA PHE B 209 -11.31 12.73 -15.75
C PHE B 209 -11.06 13.90 -14.80
N VAL B 210 -10.62 15.04 -15.32
CA VAL B 210 -10.22 16.18 -14.51
C VAL B 210 -11.06 17.39 -14.91
N GLU B 211 -11.60 18.09 -13.90
CA GLU B 211 -12.30 19.34 -14.10
C GLU B 211 -11.69 20.37 -13.15
N PRO B 212 -11.40 21.59 -13.61
CA PRO B 212 -10.72 22.57 -12.77
C PRO B 212 -11.60 22.97 -11.59
N PRO B 213 -11.00 23.52 -10.53
CA PRO B 213 -11.80 23.95 -9.38
C PRO B 213 -12.82 25.02 -9.77
N ASP B 214 -13.92 25.05 -9.02
CA ASP B 214 -14.99 26.01 -9.33
C ASP B 214 -14.49 27.44 -9.24
N ILE B 215 -13.58 27.71 -8.31
CA ILE B 215 -13.06 29.08 -8.16
C ILE B 215 -12.24 29.48 -9.38
N VAL B 216 -11.52 28.53 -10.00
CA VAL B 216 -10.78 28.82 -11.22
C VAL B 216 -11.75 29.16 -12.36
N LYS B 217 -12.83 28.38 -12.50
CA LYS B 217 -13.77 28.61 -13.58
C LYS B 217 -14.52 29.93 -13.40
N LYS B 218 -14.81 30.32 -12.16
CA LYS B 218 -15.41 31.63 -11.92
C LYS B 218 -14.49 32.76 -12.36
N LEU B 219 -13.19 32.61 -12.10
CA LEU B 219 -12.24 33.67 -12.34
C LEU B 219 -11.65 33.67 -13.75
N SER B 220 -11.69 32.54 -14.46
CA SER B 220 -11.00 32.45 -15.74
C SER B 220 -11.67 33.35 -16.78
N TRP B 221 -10.85 34.13 -17.48
CA TRP B 221 -11.35 34.95 -18.58
C TRP B 221 -11.85 34.07 -19.72
N VAL B 222 -11.12 33.00 -20.03
CA VAL B 222 -11.50 32.14 -21.16
C VAL B 222 -12.81 31.43 -20.87
N GLU B 223 -13.02 31.02 -19.61
CA GLU B 223 -14.26 30.32 -19.28
C GLU B 223 -15.48 31.22 -19.46
N ASN B 224 -15.37 32.49 -19.05
CA ASN B 224 -16.52 33.38 -19.04
C ASN B 224 -16.66 34.18 -20.33
N TYR B 225 -15.58 34.78 -20.82
CA TYR B 225 -15.65 35.79 -21.86
C TYR B 225 -15.20 35.30 -23.24
N TRP B 226 -14.82 34.03 -23.37
CA TRP B 226 -14.45 33.50 -24.67
C TRP B 226 -15.67 32.85 -25.31
N PRO B 227 -16.12 33.31 -26.48
CA PRO B 227 -17.33 32.74 -27.09
C PRO B 227 -17.11 31.29 -27.53
N ASP B 228 -18.19 30.51 -27.47
CA ASP B 228 -18.15 29.13 -27.95
C ASP B 228 -18.06 29.08 -29.47
N ASP B 229 -18.55 30.13 -30.15
CA ASP B 229 -18.52 30.22 -31.60
C ASP B 229 -17.32 31.00 -32.12
N ALA B 230 -16.38 31.37 -31.24
CA ALA B 230 -15.22 32.12 -31.67
C ALA B 230 -14.37 31.31 -32.65
N LEU B 231 -13.96 31.96 -33.73
CA LEU B 231 -13.16 31.29 -34.76
C LEU B 231 -11.78 30.89 -34.28
N LEU B 232 -11.29 31.51 -33.21
CA LEU B 232 -9.99 31.18 -32.64
C LEU B 232 -10.17 30.17 -31.50
N ALA B 233 -9.37 29.10 -31.53
CA ALA B 233 -9.45 28.09 -30.50
C ALA B 233 -9.04 28.66 -29.15
N LYS B 234 -9.69 28.17 -28.10
CA LYS B 234 -9.40 28.65 -26.76
C LYS B 234 -7.97 28.27 -26.35
N PRO B 235 -7.35 29.06 -25.47
CA PRO B 235 -6.00 28.72 -25.00
C PRO B 235 -5.99 27.34 -24.34
N LYS B 236 -5.07 26.50 -24.79
CA LYS B 236 -4.97 25.12 -24.32
C LYS B 236 -4.12 25.07 -23.06
N VAL B 237 -4.67 25.65 -21.99
CA VAL B 237 -3.94 25.75 -20.73
C VAL B 237 -4.80 25.32 -19.54
N THR B 238 -5.84 24.54 -19.80
CA THR B 238 -6.82 24.23 -18.76
C THR B 238 -6.58 22.92 -18.03
N LYS B 239 -5.97 21.93 -18.68
CA LYS B 239 -5.91 20.55 -18.16
C LYS B 239 -4.51 19.97 -18.32
N TYR B 240 -3.50 20.66 -17.80
CA TYR B 240 -2.14 20.12 -17.82
C TYR B 240 -2.02 18.90 -16.90
N CYS B 241 -1.23 17.92 -17.34
CA CYS B 241 -0.85 16.77 -16.53
C CYS B 241 0.66 16.74 -16.36
N LEU B 242 1.12 16.56 -15.13
CA LEU B 242 2.53 16.62 -14.80
C LEU B 242 2.99 15.29 -14.23
N ILE B 243 4.07 14.75 -14.79
CA ILE B 243 4.70 13.53 -14.31
C ILE B 243 6.15 13.86 -14.01
N CYS B 244 6.49 13.95 -12.72
CA CYS B 244 7.82 14.33 -12.27
C CYS B 244 8.46 13.16 -11.55
N VAL B 245 9.68 12.80 -11.97
CA VAL B 245 10.43 11.73 -11.32
C VAL B 245 11.11 12.27 -10.08
N LYS B 246 11.65 11.37 -9.25
CA LYS B 246 12.33 11.77 -8.04
C LYS B 246 13.59 12.59 -8.38
N ASP B 247 13.88 13.57 -7.52
CA ASP B 247 15.05 14.45 -7.66
C ASP B 247 15.05 15.18 -9.00
N SER B 248 13.86 15.60 -9.44
CA SER B 248 13.71 16.39 -10.65
C SER B 248 13.38 17.83 -10.27
N TYR B 249 13.91 18.77 -11.04
CA TYR B 249 13.92 20.17 -10.67
C TYR B 249 13.45 21.05 -11.82
N THR B 250 12.63 22.04 -11.50
CA THR B 250 12.21 23.06 -12.45
C THR B 250 12.68 24.41 -11.94
N ASP B 251 13.39 25.15 -12.79
CA ASP B 251 14.02 26.38 -12.36
C ASP B 251 12.99 27.51 -12.24
N PHE B 252 13.45 28.64 -11.70
CA PHE B 252 12.55 29.76 -11.43
C PHE B 252 11.99 30.34 -12.73
N HIS B 253 10.70 30.65 -12.71
CA HIS B 253 10.03 31.18 -13.88
C HIS B 253 8.75 31.86 -13.45
N ILE B 254 8.17 32.62 -14.38
CA ILE B 254 6.84 33.19 -14.24
C ILE B 254 5.94 32.53 -15.27
N ASP B 255 4.76 32.09 -14.83
CA ASP B 255 3.82 31.45 -15.73
C ASP B 255 3.45 32.38 -16.89
N SER B 256 3.29 31.80 -18.07
CA SER B 256 3.14 32.58 -19.28
C SER B 256 1.92 33.50 -19.21
N GLY B 257 2.09 34.73 -19.69
CA GLY B 257 1.02 35.70 -19.64
C GLY B 257 0.60 36.11 -18.25
N GLY B 258 1.47 35.90 -17.26
CA GLY B 258 1.10 36.16 -15.88
C GLY B 258 -0.07 35.34 -15.41
N ALA B 259 -0.32 34.20 -16.04
CA ALA B 259 -1.50 33.41 -15.71
C ALA B 259 -1.37 32.80 -14.32
N SER B 260 -2.41 32.96 -13.51
CA SER B 260 -2.46 32.24 -12.26
C SER B 260 -2.66 30.75 -12.52
N ALA B 261 -2.16 29.92 -11.63
CA ALA B 261 -2.19 28.48 -11.82
C ALA B 261 -2.69 27.78 -10.56
N TRP B 262 -3.28 26.61 -10.77
CA TRP B 262 -3.68 25.73 -9.68
C TRP B 262 -2.98 24.39 -9.85
N TYR B 263 -2.39 23.88 -8.77
CA TYR B 263 -1.66 22.62 -8.79
C TYR B 263 -2.28 21.67 -7.77
N HIS B 264 -2.67 20.49 -8.23
CA HIS B 264 -3.18 19.44 -7.37
C HIS B 264 -2.30 18.21 -7.52
N VAL B 265 -1.72 17.75 -6.42
CA VAL B 265 -0.82 16.60 -6.41
C VAL B 265 -1.65 15.35 -6.10
N LEU B 266 -1.87 14.52 -7.12
CA LEU B 266 -2.64 13.30 -6.93
C LEU B 266 -1.84 12.23 -6.18
N LYS B 267 -0.57 12.06 -6.53
CA LYS B 267 0.30 11.08 -5.89
C LYS B 267 1.66 11.71 -5.65
N GLY B 268 2.25 11.42 -4.50
CA GLY B 268 3.56 11.95 -4.16
C GLY B 268 3.47 13.35 -3.57
N GLU B 269 4.54 14.11 -3.73
CA GLU B 269 4.57 15.49 -3.27
C GLU B 269 5.50 16.31 -4.14
N LYS B 270 5.30 17.62 -4.12
CA LYS B 270 6.10 18.55 -4.90
C LYS B 270 6.35 19.80 -4.07
N THR B 271 7.58 20.30 -4.11
CA THR B 271 8.02 21.42 -3.29
C THR B 271 8.16 22.66 -4.15
N PHE B 272 7.54 23.75 -3.71
CA PHE B 272 7.54 25.01 -4.44
C PHE B 272 8.39 26.04 -3.71
N TYR B 273 9.17 26.81 -4.48
CA TYR B 273 9.99 27.89 -3.94
C TYR B 273 9.47 29.20 -4.54
N LEU B 274 8.67 29.92 -3.77
CA LEU B 274 7.90 31.05 -4.27
C LEU B 274 8.61 32.37 -3.94
N ILE B 275 8.66 33.26 -4.94
CA ILE B 275 9.22 34.59 -4.79
C ILE B 275 8.17 35.62 -5.19
N ARG B 276 7.93 36.59 -4.32
CA ARG B 276 6.86 37.54 -4.54
C ARG B 276 7.13 38.38 -5.78
N PRO B 277 6.11 38.66 -6.61
CA PRO B 277 6.31 39.43 -7.84
C PRO B 277 6.37 40.94 -7.62
N ALA B 278 7.31 41.36 -6.77
CA ALA B 278 7.60 42.77 -6.65
C ALA B 278 8.28 43.27 -7.92
N SER B 279 8.12 44.57 -8.20
CA SER B 279 8.75 45.15 -9.38
C SER B 279 10.27 44.95 -9.34
N ALA B 280 10.86 44.94 -8.15
CA ALA B 280 12.28 44.62 -8.02
C ALA B 280 12.56 43.18 -8.40
N ASN B 281 11.77 42.24 -7.85
CA ASN B 281 12.01 40.83 -8.11
C ASN B 281 11.77 40.48 -9.58
N ILE B 282 10.74 41.06 -10.19
CA ILE B 282 10.47 40.77 -11.60
C ILE B 282 11.59 41.35 -12.47
N SER B 283 12.07 42.55 -12.14
CA SER B 283 13.19 43.12 -12.88
C SER B 283 14.44 42.25 -12.75
N LEU B 284 14.74 41.79 -11.53
CA LEU B 284 15.86 40.87 -11.34
C LEU B 284 15.62 39.57 -12.08
N TYR B 285 14.37 39.11 -12.15
CA TYR B 285 14.06 37.88 -12.87
C TYR B 285 14.38 38.02 -14.35
N GLU B 286 13.97 39.14 -14.96
CA GLU B 286 14.27 39.34 -16.38
C GLU B 286 15.77 39.45 -16.61
N ARG B 287 16.47 40.17 -15.74
CA ARG B 287 17.93 40.26 -15.87
C ARG B 287 18.57 38.89 -15.68
N TRP B 288 18.05 38.09 -14.75
CA TRP B 288 18.60 36.76 -14.52
C TRP B 288 18.33 35.83 -15.69
N ARG B 289 17.06 35.77 -16.14
CA ARG B 289 16.71 34.83 -17.19
C ARG B 289 17.38 35.16 -18.52
N SER B 290 17.60 36.45 -18.80
CA SER B 290 18.26 36.85 -20.03
C SER B 290 19.76 36.63 -20.00
N ALA B 291 20.34 36.38 -18.82
CA ALA B 291 21.77 36.15 -18.73
C ALA B 291 22.13 34.80 -19.35
N SER B 292 23.25 34.79 -20.08
CA SER B 292 23.71 33.54 -20.69
C SER B 292 24.05 32.50 -19.64
N ASN B 293 24.63 32.92 -18.52
CA ASN B 293 25.04 32.01 -17.46
C ASN B 293 23.94 31.81 -16.40
N HIS B 294 22.68 31.99 -16.77
CA HIS B 294 21.59 31.80 -15.82
C HIS B 294 21.47 30.36 -15.36
N SER B 295 22.10 29.42 -16.07
CA SER B 295 22.13 28.03 -15.64
C SER B 295 23.09 27.80 -14.48
N GLU B 296 23.91 28.78 -14.12
CA GLU B 296 24.81 28.67 -12.98
C GLU B 296 24.48 29.70 -11.89
N MET B 297 23.29 30.28 -11.93
CA MET B 297 22.85 31.26 -10.93
C MET B 297 21.56 30.76 -10.28
N PHE B 298 21.62 30.55 -8.97
CA PHE B 298 20.43 30.20 -8.18
C PHE B 298 19.70 31.50 -7.85
N PHE B 299 18.56 31.73 -8.52
CA PHE B 299 17.93 33.04 -8.51
C PHE B 299 17.46 33.48 -7.12
N ALA B 300 17.18 32.53 -6.23
CA ALA B 300 16.72 32.90 -4.89
C ALA B 300 17.76 33.67 -4.11
N ASP B 301 19.04 33.61 -4.52
CA ASP B 301 20.08 34.38 -3.86
C ASP B 301 20.02 35.87 -4.20
N GLN B 302 19.28 36.24 -5.23
CA GLN B 302 19.17 37.64 -5.64
C GLN B 302 17.97 38.36 -5.03
N VAL B 303 17.03 37.62 -4.46
CA VAL B 303 15.81 38.19 -3.91
C VAL B 303 15.89 38.19 -2.38
N ASP B 304 15.03 38.98 -1.76
CA ASP B 304 15.07 39.12 -0.30
C ASP B 304 14.62 37.85 0.39
N LYS B 305 13.39 37.42 0.15
CA LYS B 305 12.83 36.23 0.80
C LYS B 305 12.25 35.30 -0.25
N CYS B 306 12.68 34.04 -0.21
CA CYS B 306 12.17 32.99 -1.10
C CYS B 306 11.52 31.92 -0.23
N TYR B 307 10.19 31.80 -0.34
CA TYR B 307 9.42 30.95 0.55
C TYR B 307 9.29 29.55 -0.01
N LYS B 308 9.61 28.55 0.81
CA LYS B 308 9.54 27.15 0.41
C LYS B 308 8.24 26.55 0.93
N CYS B 309 7.33 26.23 0.01
CA CYS B 309 6.05 25.62 0.33
C CYS B 309 6.02 24.21 -0.23
N ILE B 310 5.57 23.26 0.59
CA ILE B 310 5.50 21.85 0.22
C ILE B 310 4.05 21.49 -0.03
N VAL B 311 3.74 21.06 -1.25
CA VAL B 311 2.40 20.62 -1.61
C VAL B 311 2.42 19.10 -1.63
N LYS B 312 1.69 18.48 -0.71
CA LYS B 312 1.74 17.03 -0.52
C LYS B 312 0.53 16.37 -1.18
N GLN B 313 0.40 15.06 -0.97
CA GLN B 313 -0.64 14.27 -1.64
C GLN B 313 -2.02 14.76 -1.25
N GLY B 314 -2.87 14.98 -2.24
CA GLY B 314 -4.23 15.43 -2.02
C GLY B 314 -4.40 16.91 -1.81
N GLN B 315 -3.31 17.67 -1.79
CA GLN B 315 -3.37 19.11 -1.57
C GLN B 315 -3.44 19.86 -2.91
N THR B 316 -3.99 21.07 -2.85
CA THR B 316 -4.10 21.94 -4.01
C THR B 316 -3.44 23.28 -3.71
N LEU B 317 -2.57 23.73 -4.61
CA LEU B 317 -1.87 25.00 -4.48
C LEU B 317 -2.33 25.96 -5.56
N PHE B 318 -2.72 27.16 -5.16
CA PHE B 318 -3.11 28.22 -6.08
C PHE B 318 -1.98 29.26 -6.12
N ILE B 319 -1.43 29.48 -7.30
CA ILE B 319 -0.31 30.40 -7.50
C ILE B 319 -0.86 31.69 -8.11
N PRO B 320 -0.67 32.84 -7.47
CA PRO B 320 -1.20 34.09 -8.03
C PRO B 320 -0.47 34.52 -9.29
N SER B 321 -0.87 35.66 -9.84
CA SER B 321 -0.30 36.14 -11.10
C SER B 321 1.10 36.71 -10.87
N GLY B 322 2.04 36.32 -11.73
CA GLY B 322 3.36 36.91 -11.75
C GLY B 322 4.36 36.34 -10.77
N TRP B 323 3.95 35.42 -9.89
CA TRP B 323 4.87 34.89 -8.89
C TRP B 323 6.00 34.11 -9.53
N ILE B 324 7.21 34.34 -9.05
CA ILE B 324 8.41 33.68 -9.56
C ILE B 324 8.66 32.45 -8.70
N TYR B 325 8.37 31.27 -9.25
CA TYR B 325 8.44 30.04 -8.47
C TYR B 325 9.28 29.00 -9.19
N ALA B 326 9.90 28.13 -8.39
CA ALA B 326 10.66 26.99 -8.87
C ALA B 326 10.25 25.76 -8.07
N THR B 327 10.25 24.60 -8.71
CA THR B 327 9.78 23.38 -8.08
C THR B 327 10.87 22.33 -8.04
N LEU B 328 10.93 21.62 -6.90
CA LEU B 328 11.75 20.44 -6.74
C LEU B 328 10.84 19.27 -6.38
N THR B 329 11.08 18.12 -7.01
CA THR B 329 10.24 16.94 -6.79
C THR B 329 11.05 15.86 -6.11
N PRO B 330 10.84 15.61 -4.81
CA PRO B 330 11.70 14.68 -4.07
C PRO B 330 11.40 13.22 -4.34
N VAL B 331 10.13 12.90 -4.61
CA VAL B 331 9.70 11.54 -4.91
C VAL B 331 8.83 11.57 -6.15
N ASP B 332 8.66 10.40 -6.77
CA ASP B 332 7.83 10.29 -7.97
C ASP B 332 6.44 10.87 -7.71
N CYS B 333 6.12 11.92 -8.44
CA CYS B 333 4.93 12.71 -8.18
C CYS B 333 4.10 12.83 -9.45
N LEU B 334 2.80 12.58 -9.32
CA LEU B 334 1.83 12.80 -10.40
C LEU B 334 0.91 13.93 -9.99
N ALA B 335 0.80 14.94 -10.83
CA ALA B 335 0.01 16.12 -10.50
C ALA B 335 -0.72 16.62 -11.73
N PHE B 336 -1.79 17.38 -11.50
CA PHE B 336 -2.58 18.00 -12.55
C PHE B 336 -2.64 19.50 -12.28
N ALA B 337 -2.37 20.29 -13.32
CA ALA B 337 -2.28 21.73 -13.20
C ALA B 337 -3.11 22.40 -14.28
N GLY B 338 -3.37 23.70 -14.09
CA GLY B 338 -4.07 24.50 -15.07
C GLY B 338 -3.84 25.98 -14.89
N HIS B 339 -3.74 26.73 -15.99
CA HIS B 339 -3.49 28.16 -15.95
C HIS B 339 -4.76 28.93 -16.33
N PHE B 340 -4.91 30.12 -15.78
CA PHE B 340 -6.10 30.93 -16.04
C PHE B 340 -5.78 32.39 -15.79
N LEU B 341 -6.65 33.26 -16.32
CA LEU B 341 -6.52 34.70 -16.17
C LEU B 341 -7.72 35.24 -15.41
N HIS B 342 -7.47 36.14 -14.47
CA HIS B 342 -8.52 36.73 -13.66
C HIS B 342 -8.31 38.23 -13.56
N SER B 343 -9.40 38.95 -13.27
CA SER B 343 -9.37 40.40 -13.25
C SER B 343 -8.66 40.98 -12.03
N LEU B 344 -8.38 40.16 -11.01
CA LEU B 344 -7.75 40.67 -9.81
C LEU B 344 -6.29 41.05 -10.00
N SER B 345 -5.68 40.67 -11.12
CA SER B 345 -4.27 40.95 -11.37
C SER B 345 -4.06 41.38 -12.82
N VAL B 346 -4.92 42.29 -13.31
CA VAL B 346 -4.80 42.73 -14.71
C VAL B 346 -3.47 43.40 -14.95
N GLU B 347 -3.05 44.28 -14.04
CA GLU B 347 -1.76 44.95 -14.19
C GLU B 347 -0.61 43.95 -14.15
N MET B 348 -0.66 42.98 -13.23
CA MET B 348 0.40 41.99 -13.13
C MET B 348 0.45 41.10 -14.37
N GLN B 349 -0.73 40.72 -14.90
CA GLN B 349 -0.74 39.88 -16.09
C GLN B 349 -0.09 40.57 -17.28
N MET B 350 -0.38 41.85 -17.48
CA MET B 350 0.23 42.57 -18.59
C MET B 350 1.73 42.74 -18.39
N ARG B 351 2.17 43.07 -17.17
CA ARG B 351 3.59 43.30 -16.95
C ARG B 351 4.40 42.04 -17.20
N ALA B 352 3.93 40.90 -16.71
CA ALA B 352 4.64 39.64 -16.94
C ALA B 352 4.70 39.29 -18.42
N TYR B 353 3.62 39.58 -19.14
CA TYR B 353 3.60 39.33 -20.58
C TYR B 353 4.63 40.18 -21.30
N GLU B 354 4.75 41.45 -20.91
CA GLU B 354 5.75 42.32 -21.50
C GLU B 354 7.17 41.84 -21.16
N VAL B 355 7.38 41.38 -19.94
CA VAL B 355 8.65 40.75 -19.59
C VAL B 355 8.85 39.48 -20.42
N GLU B 356 7.79 38.68 -20.54
CA GLU B 356 7.88 37.45 -21.33
C GLU B 356 8.16 37.74 -22.79
N ARG B 357 7.52 38.78 -23.34
CA ARG B 357 7.75 39.14 -24.73
C ARG B 357 9.19 39.61 -24.95
N ARG B 358 9.75 40.33 -23.98
CA ARG B 358 11.11 40.82 -24.13
C ARG B 358 12.13 39.70 -24.07
N LEU B 359 11.87 38.67 -23.26
CA LEU B 359 12.82 37.57 -23.15
C LEU B 359 12.91 36.75 -24.42
N LYS B 360 11.83 36.69 -25.20
CA LYS B 360 11.77 35.92 -26.44
C LYS B 360 12.19 34.46 -26.20
N LEU B 361 11.64 33.88 -25.15
CA LEU B 361 11.91 32.49 -24.83
C LEU B 361 11.20 31.56 -25.82
N GLY B 362 11.57 30.28 -25.76
CA GLY B 362 10.91 29.27 -26.56
C GLY B 362 9.42 29.21 -26.26
N SER B 363 8.59 29.22 -27.31
CA SER B 363 7.15 29.22 -27.14
C SER B 363 6.61 27.81 -26.91
N LEU B 364 7.16 27.11 -25.91
CA LEU B 364 6.71 25.76 -25.56
C LEU B 364 5.69 25.79 -24.43
N THR B 365 6.04 26.38 -23.29
CA THR B 365 5.13 26.50 -22.16
C THR B 365 4.31 27.79 -22.22
N GLN B 366 4.17 28.39 -23.40
CA GLN B 366 3.53 29.68 -23.54
C GLN B 366 2.01 29.58 -23.39
N PHE B 367 1.38 30.74 -23.20
CA PHE B 367 -0.06 30.89 -23.06
C PHE B 367 -0.64 31.27 -24.42
N PRO B 368 -1.21 30.32 -25.17
CA PRO B 368 -1.67 30.64 -26.53
C PRO B 368 -2.76 31.71 -26.52
N ASN B 369 -2.70 32.60 -27.52
CA ASN B 369 -3.73 33.62 -27.74
C ASN B 369 -3.97 34.46 -26.49
N PHE B 370 -2.88 34.85 -25.83
CA PHE B 370 -3.01 35.70 -24.65
C PHE B 370 -3.65 37.04 -25.00
N GLU B 371 -3.21 37.64 -26.11
CA GLU B 371 -3.79 38.92 -26.52
C GLU B 371 -5.25 38.76 -26.92
N THR B 372 -5.60 37.64 -27.53
CA THR B 372 -6.99 37.39 -27.92
C THR B 372 -7.90 37.38 -26.70
N ALA B 373 -7.45 36.76 -25.60
CA ALA B 373 -8.23 36.79 -24.38
C ALA B 373 -8.37 38.21 -23.85
N CYS B 374 -7.31 39.02 -23.95
CA CYS B 374 -7.38 40.41 -23.52
C CYS B 374 -8.37 41.21 -24.37
N TRP B 375 -8.41 40.94 -25.68
CA TRP B 375 -9.38 41.61 -26.54
C TRP B 375 -10.81 41.28 -26.12
N TYR B 376 -11.09 40.02 -25.84
CA TYR B 376 -12.43 39.64 -25.40
C TYR B 376 -12.75 40.28 -24.05
N MET B 377 -11.76 40.36 -23.16
CA MET B 377 -11.98 41.01 -21.88
C MET B 377 -12.31 42.48 -22.06
N GLY B 378 -11.60 43.17 -22.95
CA GLY B 378 -11.90 44.57 -23.21
C GLY B 378 -13.30 44.76 -23.75
N LYS B 379 -13.73 43.86 -24.65
CA LYS B 379 -15.11 43.92 -25.14
C LYS B 379 -16.10 43.68 -24.01
N HIS B 380 -15.78 42.75 -23.10
CA HIS B 380 -16.63 42.53 -21.94
C HIS B 380 -16.66 43.77 -21.05
N LEU B 381 -15.52 44.42 -20.85
CA LEU B 381 -15.47 45.60 -20.00
C LEU B 381 -16.32 46.72 -20.57
N LEU B 382 -16.31 46.89 -21.90
CA LEU B 382 -17.19 47.87 -22.52
C LEU B 382 -18.65 47.49 -22.31
N GLU B 383 -18.97 46.19 -22.38
CA GLU B 383 -20.31 45.75 -22.01
C GLU B 383 -20.58 45.98 -20.53
N ALA B 384 -19.57 45.76 -19.69
CA ALA B 384 -19.73 46.02 -18.26
C ALA B 384 -19.97 47.50 -17.98
N PHE B 385 -19.23 48.37 -18.68
CA PHE B 385 -19.43 49.81 -18.51
C PHE B 385 -20.84 50.23 -18.90
N LYS B 386 -21.33 49.73 -20.03
CA LYS B 386 -22.70 50.04 -20.45
C LYS B 386 -23.71 49.43 -19.48
N GLY B 387 -23.45 48.20 -19.01
CA GLY B 387 -24.31 47.60 -18.02
C GLY B 387 -24.32 48.37 -16.70
N SER B 388 -23.20 48.99 -16.36
CA SER B 388 -23.15 49.83 -15.16
C SER B 388 -24.07 51.04 -15.31
N HIS B 389 -24.11 51.64 -16.50
CA HIS B 389 -24.97 52.79 -16.73
C HIS B 389 -26.44 52.39 -16.63
N LYS B 390 -26.82 51.29 -17.28
CA LYS B 390 -28.22 50.86 -17.27
C LYS B 390 -28.68 50.47 -15.88
N SER B 391 -27.83 49.75 -15.13
CA SER B 391 -28.19 49.29 -13.79
C SER B 391 -28.12 50.39 -12.74
N GLY B 392 -27.50 51.52 -13.04
CA GLY B 392 -27.39 52.60 -12.07
C GLY B 392 -26.31 52.42 -11.03
N LYS B 393 -25.49 51.38 -11.15
CA LYS B 393 -24.41 51.10 -10.22
C LYS B 393 -23.08 51.25 -10.95
N GLN B 394 -22.10 51.82 -10.26
CA GLN B 394 -20.80 52.08 -10.87
C GLN B 394 -19.91 50.84 -10.80
N LEU B 395 -19.01 50.71 -11.77
CA LEU B 395 -18.12 49.56 -11.82
C LEU B 395 -17.12 49.60 -10.67
N PRO B 396 -16.64 48.44 -10.24
CA PRO B 396 -15.56 48.40 -9.24
C PRO B 396 -14.33 49.12 -9.75
N PRO B 397 -13.61 49.81 -8.88
CA PRO B 397 -12.43 50.58 -9.34
C PRO B 397 -11.36 49.73 -9.99
N HIS B 398 -11.17 48.49 -9.56
CA HIS B 398 -10.12 47.65 -10.16
C HIS B 398 -10.46 47.28 -11.60
N LEU B 399 -11.75 47.13 -11.92
CA LEU B 399 -12.14 46.95 -13.31
C LEU B 399 -11.89 48.20 -14.13
N VAL B 400 -12.15 49.38 -13.55
CA VAL B 400 -11.85 50.63 -14.23
C VAL B 400 -10.36 50.76 -14.47
N GLN B 401 -9.56 50.48 -13.44
CA GLN B 401 -8.10 50.50 -13.60
C GLN B 401 -7.66 49.45 -14.60
N GLY B 402 -8.21 48.23 -14.51
CA GLY B 402 -7.86 47.20 -15.46
C GLY B 402 -8.23 47.57 -16.89
N ALA B 403 -9.38 48.22 -17.07
CA ALA B 403 -9.77 48.68 -18.39
C ALA B 403 -8.78 49.70 -18.93
N LYS B 404 -8.31 50.62 -18.08
CA LYS B 404 -7.33 51.59 -18.51
C LYS B 404 -6.02 50.91 -18.91
N ILE B 405 -5.64 49.85 -18.18
CA ILE B 405 -4.43 49.10 -18.51
C ILE B 405 -4.62 48.33 -19.81
N LEU B 406 -5.77 47.69 -19.97
CA LEU B 406 -6.06 46.96 -21.21
C LEU B 406 -6.15 47.90 -22.40
N ASN B 407 -6.78 49.07 -22.21
CA ASN B 407 -6.92 50.01 -23.31
C ASN B 407 -5.56 50.52 -23.78
N GLY B 408 -4.65 50.80 -22.84
CA GLY B 408 -3.31 51.22 -23.22
C GLY B 408 -2.57 50.15 -24.00
N ALA B 409 -2.75 48.88 -23.61
CA ALA B 409 -2.18 47.79 -24.38
C ALA B 409 -2.81 47.70 -25.76
N PHE B 410 -4.11 47.97 -25.86
CA PHE B 410 -4.79 47.90 -27.15
C PHE B 410 -4.21 48.91 -28.13
N ARG B 411 -3.91 50.12 -27.67
CA ARG B 411 -3.26 51.11 -28.54
C ARG B 411 -1.89 50.62 -28.99
N SER B 412 -1.11 50.05 -28.06
CA SER B 412 0.23 49.58 -28.40
C SER B 412 0.18 48.46 -29.43
N TRP B 413 -0.79 47.55 -29.30
CA TRP B 413 -0.90 46.43 -30.23
C TRP B 413 -1.42 46.88 -31.59
N THR B 414 -2.25 47.93 -31.63
CA THR B 414 -2.92 48.34 -32.85
C THR B 414 -2.21 49.48 -33.58
N LYS B 415 -1.08 49.95 -33.07
CA LYS B 415 -0.34 50.98 -33.79
C LYS B 415 0.09 50.44 -35.16
N LYS B 416 0.05 51.32 -36.17
CA LYS B 416 0.38 50.89 -37.53
C LYS B 416 1.77 50.30 -37.61
N GLN B 417 2.70 50.78 -36.78
CA GLN B 417 4.05 50.22 -36.79
C GLN B 417 4.05 48.77 -36.32
N ALA B 418 3.30 48.47 -35.26
CA ALA B 418 3.31 47.16 -34.63
C ALA B 418 2.04 46.36 -34.91
N LEU B 419 1.17 46.85 -35.78
CA LEU B 419 -0.08 46.13 -36.07
C LEU B 419 0.19 44.77 -36.68
N ALA B 420 1.28 44.63 -37.44
CA ALA B 420 1.55 43.39 -38.15
C ALA B 420 1.72 42.22 -37.21
N GLU B 421 2.39 42.44 -36.08
CA GLU B 421 2.66 41.34 -35.15
C GLU B 421 1.42 40.94 -34.36
N HIS B 422 0.64 41.92 -33.90
CA HIS B 422 -0.47 41.63 -33.00
C HIS B 422 -1.79 41.41 -33.73
N GLU B 423 -1.85 41.59 -35.05
CA GLU B 423 -3.11 41.41 -35.76
C GLU B 423 -3.54 39.96 -35.79
N ASP B 424 -2.59 39.02 -35.73
CA ASP B 424 -2.92 37.60 -35.84
C ASP B 424 -3.79 37.14 -34.67
N GLU B 425 -3.71 37.81 -33.53
CA GLU B 425 -4.49 37.46 -32.35
C GLU B 425 -5.73 38.32 -32.20
N LEU B 426 -6.03 39.17 -33.17
CA LEU B 426 -7.20 40.04 -33.09
C LEU B 426 -8.45 39.24 -33.46
N PRO B 427 -9.47 39.21 -32.61
CA PRO B 427 -10.67 38.43 -32.92
C PRO B 427 -11.44 39.00 -34.11
N GLU B 428 -12.27 38.13 -34.69
CA GLU B 428 -13.04 38.50 -35.87
C GLU B 428 -14.05 39.61 -35.56
N HIS B 429 -14.35 40.41 -36.57
CA HIS B 429 -15.34 41.49 -36.48
C HIS B 429 -14.99 42.48 -35.37
N PHE B 430 -13.70 42.73 -35.19
CA PHE B 430 -13.20 43.63 -34.17
C PHE B 430 -12.71 44.92 -34.83
N LYS B 431 -13.28 46.05 -34.44
CA LYS B 431 -12.73 47.34 -34.82
C LYS B 431 -12.00 47.91 -33.62
N PRO B 432 -10.69 47.63 -33.49
CA PRO B 432 -9.98 48.01 -32.26
C PRO B 432 -9.94 49.50 -32.00
N SER B 433 -9.83 50.32 -33.05
CA SER B 433 -9.81 51.77 -32.84
C SER B 433 -11.11 52.26 -32.22
N GLN B 434 -12.24 51.72 -32.69
CA GLN B 434 -13.52 52.05 -32.08
C GLN B 434 -13.61 51.52 -30.65
N LEU B 435 -13.11 50.31 -30.41
CA LEU B 435 -13.12 49.76 -29.06
C LEU B 435 -12.26 50.60 -28.11
N ILE B 436 -11.10 51.03 -28.58
CA ILE B 436 -10.21 51.87 -27.76
C ILE B 436 -10.89 53.19 -27.43
N LYS B 437 -11.49 53.83 -28.44
CA LYS B 437 -12.16 55.10 -28.22
C LYS B 437 -13.33 54.94 -27.26
N ASP B 438 -14.12 53.88 -27.42
CA ASP B 438 -15.24 53.65 -26.53
C ASP B 438 -14.79 53.33 -25.11
N LEU B 439 -13.74 52.52 -24.96
CA LEU B 439 -13.23 52.21 -23.64
C LEU B 439 -12.66 53.45 -22.94
N ALA B 440 -11.92 54.27 -23.68
CA ALA B 440 -11.30 55.45 -23.08
C ALA B 440 -12.36 56.43 -22.57
N LYS B 441 -13.41 56.65 -23.36
CA LYS B 441 -14.47 57.56 -22.93
C LYS B 441 -15.20 57.02 -21.70
N GLU B 442 -15.47 55.71 -21.67
CA GLU B 442 -16.14 55.13 -20.51
C GLU B 442 -15.28 55.24 -19.26
N ILE B 443 -13.97 55.03 -19.40
CA ILE B 443 -13.07 55.16 -18.25
C ILE B 443 -13.06 56.60 -17.75
N ARG B 444 -13.10 57.57 -18.67
CA ARG B 444 -13.12 58.97 -18.26
C ARG B 444 -14.38 59.30 -17.47
N LEU B 445 -15.53 58.74 -17.87
CA LEU B 445 -16.77 58.99 -17.14
C LEU B 445 -16.74 58.36 -15.76
N SER B 446 -16.34 57.08 -15.67
CA SER B 446 -16.36 56.39 -14.39
C SER B 446 -15.34 56.96 -13.42
N GLU B 447 -14.22 57.47 -13.94
CA GLU B 447 -13.23 58.10 -13.08
C GLU B 447 -13.78 59.36 -12.42
N ASN B 448 -14.73 60.03 -13.07
CA ASN B 448 -15.32 61.26 -12.52
C ASN B 448 -16.39 60.92 -11.48
N ALA B 449 -15.95 60.18 -10.45
CA ALA B 449 -16.75 59.91 -9.27
C ALA B 449 -15.91 60.27 -8.04
N SER B 450 -16.54 60.95 -7.09
CA SER B 450 -15.81 61.57 -5.99
C SER B 450 -16.61 61.38 -4.70
N LYS B 451 -16.25 62.16 -3.66
CA LYS B 451 -16.63 61.87 -2.28
C LYS B 451 -18.14 61.78 -2.13
N ALA B 452 -18.56 60.93 -1.19
CA ALA B 452 -19.96 60.70 -0.89
C ALA B 452 -20.43 61.68 0.19
N VAL B 453 -21.62 61.43 0.74
CA VAL B 453 -22.16 62.28 1.80
C VAL B 453 -21.39 62.10 3.10
N ALA C 1 -3.52 5.58 22.04
CA ALA C 1 -4.40 4.55 21.49
C ALA C 1 -3.62 3.58 20.60
N ARG C 2 -4.34 2.92 19.70
CA ARG C 2 -3.74 1.93 18.81
C ARG C 2 -3.19 2.63 17.57
N THR C 3 -1.96 2.30 17.20
CA THR C 3 -1.30 2.94 16.07
C THR C 3 -0.73 1.93 15.09
N GLN C 5 2.44 1.68 12.55
CA GLN C 5 3.73 2.25 12.17
C GLN C 5 3.92 2.28 10.64
N THR C 6 5.08 2.75 10.21
CA THR C 6 5.40 2.86 8.79
C THR C 6 6.47 1.84 8.41
N ALA C 7 6.80 1.81 7.13
CA ALA C 7 7.80 0.89 6.61
C ALA C 7 8.41 1.43 5.32
N ALA D 1 11.76 -4.83 -19.31
CA ALA D 1 10.40 -4.38 -19.60
C ALA D 1 10.01 -3.21 -18.69
N ARG D 2 8.73 -3.14 -18.35
CA ARG D 2 8.22 -2.13 -17.44
C ARG D 2 8.12 -2.72 -16.05
N THR D 3 8.79 -2.10 -15.09
CA THR D 3 8.83 -2.60 -13.73
C THR D 3 8.54 -1.48 -12.73
N GLN D 5 9.74 -0.19 -9.35
CA GLN D 5 10.76 -0.18 -8.31
C GLN D 5 10.15 0.13 -6.95
N THR D 6 10.60 -0.59 -5.93
CA THR D 6 10.10 -0.41 -4.57
C THR D 6 10.68 0.85 -3.93
N ALA D 7 10.12 1.21 -2.78
CA ALA D 7 10.58 2.40 -2.06
C ALA D 7 12.04 2.23 -1.64
N ARG D 8 12.83 3.28 -1.88
CA ARG D 8 14.26 3.24 -1.54
C ARG D 8 14.46 3.31 -0.04
#